data_3MRU
#
_entry.id   3MRU
#
_cell.length_a   80.407
_cell.length_b   80.407
_cell.length_c   303.095
_cell.angle_alpha   90.00
_cell.angle_beta   90.00
_cell.angle_gamma   120.00
#
_symmetry.space_group_name_H-M   'P 65'
#
loop_
_entity.id
_entity.type
_entity.pdbx_description
1 polymer 'Aminoacyl-histidine dipeptidase'
2 non-polymer 'ZINC ION'
#
_entity_poly.entity_id   1
_entity_poly.type   'polypeptide(L)'
_entity_poly.pdbx_seq_one_letter_code
;MSEFHSEISTLSPAPLWQFFDKICSIPHPSKHEEALAQYIVTWATEQGFDVRRDPTGNVFIKKPATPGMENKKGVVLQAH
IDMVPQKNEDTDHDFTQDPIQPYIDGEWVTAKGTTLGADNGIGMASCLAVLASKEIKHGPIEVLLTIDEEAGMTGAFGLE
AGWLKGDILLNTDSEQEGEVYMGCAGGIDGAMTFDITRDAIPAGFITRQLTLKGLKGGHSGCDIHTGRGNANKLIGRFLA
GHAQELDLRLVEFRGGSLRNAIPREAFVTVALPAENQDKLAELFNYYTELLKTELGKIETDIVTFNEEVATDAQVFAIAD
QQRFIAALNACPNGVMRMSDEVEGVVETSLNVGVITTEENKVTVLCLIRSLIDSGRSQVEGMLQSVAELAGAQIEFSGAY
PGWKPDADSEIMAIFRDMYEGIYGHKPNIMVIHAGLECGLFKEPYPNMDMVSFGPTIKFPHSPDEKVKIDTVQLFWDQMV
ALLEAIPEKA
;
_entity_poly.pdbx_strand_id   A,B
#
loop_
_chem_comp.id
_chem_comp.type
_chem_comp.name
_chem_comp.formula
ZN non-polymer 'ZINC ION' 'Zn 2'
#
# COMPACT_ATOMS: atom_id res chain seq x y z
N MET A 1 6.14 -25.70 -42.49
CA MET A 1 5.66 -25.04 -43.68
C MET A 1 6.78 -24.97 -44.68
N SER A 2 7.77 -24.16 -44.35
CA SER A 2 8.94 -23.96 -45.20
C SER A 2 10.00 -25.01 -44.86
N GLU A 3 10.28 -25.17 -43.57
CA GLU A 3 11.25 -26.16 -43.10
C GLU A 3 10.55 -27.51 -42.93
N PHE A 4 10.22 -28.11 -44.06
CA PHE A 4 9.38 -29.29 -44.09
C PHE A 4 10.13 -30.57 -43.68
N HIS A 5 11.44 -30.58 -43.89
CA HIS A 5 12.22 -31.75 -43.59
C HIS A 5 12.95 -31.72 -42.23
N SER A 6 12.70 -30.69 -41.41
CA SER A 6 13.42 -30.48 -40.15
C SER A 6 12.95 -31.36 -38.98
N GLU A 7 13.88 -32.08 -38.34
CA GLU A 7 13.51 -32.96 -37.23
C GLU A 7 13.60 -32.29 -35.89
N ILE A 8 12.50 -32.38 -35.13
CA ILE A 8 12.46 -31.91 -33.75
C ILE A 8 13.59 -32.55 -32.95
N SER A 9 13.90 -33.82 -33.17
CA SER A 9 14.93 -34.49 -32.34
C SER A 9 16.37 -34.09 -32.67
N THR A 10 16.54 -33.11 -33.55
CA THR A 10 17.88 -32.68 -33.94
C THR A 10 18.15 -31.18 -33.67
N LEU A 11 17.20 -30.55 -32.98
CA LEU A 11 17.34 -29.21 -32.44
C LEU A 11 18.26 -29.32 -31.21
N SER A 12 19.02 -28.28 -30.94
CA SER A 12 19.88 -28.32 -29.76
C SER A 12 19.24 -27.69 -28.53
N PRO A 13 19.43 -28.30 -27.34
CA PRO A 13 20.28 -29.44 -27.05
C PRO A 13 19.56 -30.74 -27.36
N ALA A 14 20.19 -31.58 -28.20
CA ALA A 14 19.48 -32.72 -28.76
C ALA A 14 18.91 -33.67 -27.72
N PRO A 15 19.72 -34.07 -26.72
CA PRO A 15 19.20 -35.06 -25.77
C PRO A 15 17.81 -34.71 -25.23
N LEU A 16 17.59 -33.43 -24.88
CA LEU A 16 16.31 -33.01 -24.32
C LEU A 16 15.22 -32.95 -25.38
N TRP A 17 15.55 -32.40 -26.54
CA TRP A 17 14.58 -32.25 -27.62
C TRP A 17 14.18 -33.59 -28.17
N GLN A 18 15.04 -34.60 -27.97
CA GLN A 18 14.75 -36.00 -28.29
C GLN A 18 13.75 -36.49 -27.25
N PHE A 19 14.04 -36.26 -25.98
CA PHE A 19 13.12 -36.61 -24.91
C PHE A 19 11.76 -35.92 -25.09
N PHE A 20 11.80 -34.65 -25.50
CA PHE A 20 10.57 -33.98 -25.84
C PHE A 20 9.82 -34.62 -27.02
N ASP A 21 10.54 -35.06 -28.06
CA ASP A 21 9.87 -35.72 -29.19
C ASP A 21 9.20 -37.00 -28.68
N LYS A 22 9.85 -37.69 -27.74
CA LYS A 22 9.26 -38.90 -27.15
C LYS A 22 8.04 -38.59 -26.26
N ILE A 23 8.19 -37.67 -25.30
CA ILE A 23 7.04 -37.14 -24.54
C ILE A 23 5.83 -36.70 -25.41
N CYS A 24 6.09 -36.08 -26.56
CA CYS A 24 5.01 -35.68 -27.46
C CYS A 24 4.24 -36.87 -28.02
N SER A 25 4.95 -37.99 -28.17
CA SER A 25 4.42 -39.19 -28.83
C SER A 25 3.47 -39.99 -27.94
N ILE A 26 3.59 -39.83 -26.62
CA ILE A 26 2.69 -40.56 -25.72
C ILE A 26 1.71 -39.63 -24.99
N PRO A 27 0.43 -39.79 -25.30
CA PRO A 27 -0.63 -38.97 -24.70
C PRO A 27 -0.79 -38.82 -23.19
N HIS A 28 -0.55 -37.61 -22.70
CA HIS A 28 -0.70 -37.30 -21.28
C HIS A 28 -1.47 -36.02 -20.86
N PRO A 29 -2.81 -35.98 -21.04
CA PRO A 29 -3.53 -34.80 -20.55
C PRO A 29 -3.73 -35.01 -19.07
N SER A 30 -4.24 -34.00 -18.40
CA SER A 30 -4.39 -34.06 -16.95
C SER A 30 -5.17 -35.32 -16.66
N LYS A 31 -4.81 -35.97 -15.56
CA LYS A 31 -5.48 -37.19 -15.09
C LYS A 31 -5.17 -38.49 -15.89
N HIS A 32 -4.37 -38.39 -16.96
CA HIS A 32 -4.00 -39.56 -17.77
C HIS A 32 -2.50 -39.74 -17.85
N GLU A 33 -1.83 -39.26 -16.82
CA GLU A 33 -0.39 -39.41 -16.63
C GLU A 33 0.11 -40.84 -16.72
N GLU A 34 -0.64 -41.82 -16.17
CA GLU A 34 -0.28 -43.25 -16.29
C GLU A 34 -0.31 -43.64 -17.75
N ALA A 35 0.87 -44.01 -18.24
CA ALA A 35 1.14 -44.20 -19.66
C ALA A 35 2.49 -43.62 -19.83
N LEU A 36 2.66 -42.41 -19.28
CA LEU A 36 3.92 -41.69 -19.34
C LEU A 36 4.71 -41.89 -18.06
N ALA A 37 3.99 -42.03 -16.95
CA ALA A 37 4.66 -42.25 -15.67
C ALA A 37 5.43 -43.56 -15.79
N GLN A 38 4.75 -44.55 -16.35
CA GLN A 38 5.33 -45.87 -16.56
C GLN A 38 6.57 -45.76 -17.39
N TYR A 39 6.42 -45.15 -18.57
CA TYR A 39 7.54 -45.05 -19.49
C TYR A 39 8.73 -44.45 -18.77
N ILE A 40 8.54 -43.32 -18.10
CA ILE A 40 9.66 -42.73 -17.38
C ILE A 40 10.23 -43.74 -16.42
N VAL A 41 9.41 -44.31 -15.54
CA VAL A 41 9.97 -45.25 -14.56
C VAL A 41 10.68 -46.42 -15.22
N THR A 42 10.01 -47.16 -16.09
CA THR A 42 10.68 -48.29 -16.76
C THR A 42 11.98 -47.80 -17.40
N TRP A 43 11.94 -46.62 -18.03
CA TRP A 43 13.14 -46.04 -18.62
C TRP A 43 14.20 -45.87 -17.55
N ALA A 44 13.86 -45.18 -16.48
CA ALA A 44 14.83 -44.83 -15.45
C ALA A 44 15.34 -46.08 -14.73
N THR A 45 14.56 -47.16 -14.73
CA THR A 45 15.07 -48.45 -14.25
C THR A 45 16.23 -48.91 -15.16
N GLU A 46 15.94 -49.10 -16.46
CA GLU A 46 16.92 -49.55 -17.46
C GLU A 46 18.28 -48.86 -17.36
N GLN A 47 18.27 -47.62 -16.89
CA GLN A 47 19.49 -46.86 -16.71
C GLN A 47 20.06 -47.11 -15.31
N GLY A 48 19.34 -47.89 -14.51
CA GLY A 48 19.77 -48.26 -13.16
C GLY A 48 19.68 -47.14 -12.14
N PHE A 49 18.55 -46.44 -12.12
CA PHE A 49 18.32 -45.37 -11.15
C PHE A 49 17.47 -45.95 -10.02
N ASP A 50 17.52 -45.45 -8.82
CA ASP A 50 16.59 -45.88 -7.85
C ASP A 50 15.44 -45.01 -8.18
N VAL A 51 14.38 -45.67 -8.66
CA VAL A 51 13.14 -45.00 -9.00
C VAL A 51 11.95 -45.55 -8.20
N ARG A 52 11.33 -44.69 -7.40
CA ARG A 52 10.17 -45.07 -6.58
C ARG A 52 9.03 -44.12 -6.85
N ARG A 53 7.82 -44.61 -6.62
CA ARG A 53 6.64 -43.79 -6.74
C ARG A 53 6.08 -43.60 -5.33
N ASP A 54 5.26 -42.57 -5.17
CA ASP A 54 4.54 -42.35 -3.92
C ASP A 54 3.04 -42.75 -4.02
N PRO A 55 2.34 -42.90 -2.86
CA PRO A 55 0.90 -43.17 -2.83
C PRO A 55 0.04 -42.33 -3.78
N THR A 56 0.36 -41.05 -3.94
CA THR A 56 -0.44 -40.16 -4.81
C THR A 56 0.03 -40.03 -6.26
N GLY A 57 0.91 -40.91 -6.71
CA GLY A 57 1.37 -40.88 -8.09
C GLY A 57 2.42 -39.98 -8.70
N ASN A 58 3.35 -39.51 -7.87
CA ASN A 58 4.42 -38.61 -8.30
C ASN A 58 5.68 -39.48 -8.39
N VAL A 59 6.52 -39.14 -9.36
CA VAL A 59 7.71 -39.93 -9.68
C VAL A 59 8.93 -39.24 -9.08
N PHE A 60 9.79 -40.05 -8.47
CA PHE A 60 11.03 -39.58 -7.83
C PHE A 60 12.18 -40.42 -8.36
N ILE A 61 13.25 -39.79 -8.80
CA ILE A 61 14.31 -40.53 -9.43
C ILE A 61 15.64 -40.04 -8.91
N LYS A 62 16.42 -40.96 -8.36
CA LYS A 62 17.65 -40.57 -7.68
C LYS A 62 18.91 -40.86 -8.48
N LYS A 63 19.68 -39.80 -8.73
CA LYS A 63 20.98 -39.96 -9.34
C LYS A 63 22.06 -39.39 -8.44
N PRO A 64 23.06 -40.23 -8.11
CA PRO A 64 24.19 -39.81 -7.27
C PRO A 64 25.09 -38.84 -8.01
N ALA A 65 25.81 -38.03 -7.24
CA ALA A 65 26.74 -37.04 -7.77
C ALA A 65 27.78 -37.64 -8.72
N THR A 66 28.17 -36.87 -9.71
CA THR A 66 29.37 -37.19 -10.48
C THR A 66 30.56 -36.97 -9.53
N PRO A 67 31.64 -37.77 -9.69
CA PRO A 67 32.90 -37.66 -8.92
C PRO A 67 33.44 -36.23 -8.73
N GLY A 68 33.64 -35.84 -7.48
CA GLY A 68 34.00 -34.47 -7.16
C GLY A 68 33.05 -33.69 -6.26
N MET A 69 31.74 -33.91 -6.39
CA MET A 69 30.75 -33.14 -5.61
C MET A 69 29.91 -34.11 -4.81
N GLU A 70 30.55 -35.19 -4.38
CA GLU A 70 29.93 -36.15 -3.45
C GLU A 70 29.62 -35.47 -2.11
N ASN A 71 30.28 -34.33 -1.87
CA ASN A 71 30.09 -33.55 -0.65
C ASN A 71 28.66 -33.05 -0.55
N LYS A 72 27.93 -33.36 -1.60
CA LYS A 72 26.51 -33.10 -1.70
C LYS A 72 26.16 -31.63 -1.77
N LYS A 73 24.85 -31.42 -1.62
CA LYS A 73 24.19 -30.14 -1.70
C LYS A 73 22.73 -30.46 -2.03
N GLY A 74 22.50 -31.70 -2.48
CA GLY A 74 21.17 -32.16 -2.81
C GLY A 74 20.30 -31.16 -3.55
N VAL A 75 19.84 -31.54 -4.72
CA VAL A 75 18.99 -30.68 -5.53
C VAL A 75 17.80 -31.47 -6.06
N VAL A 76 16.70 -30.79 -6.32
CA VAL A 76 15.50 -31.43 -6.83
C VAL A 76 14.98 -30.70 -8.05
N LEU A 77 15.16 -31.31 -9.22
CA LEU A 77 14.59 -30.81 -10.48
C LEU A 77 13.12 -31.23 -10.60
N GLN A 78 12.27 -30.29 -11.00
CA GLN A 78 10.85 -30.58 -10.94
C GLN A 78 10.06 -29.99 -12.07
N ALA A 79 9.14 -30.81 -12.53
CA ALA A 79 8.23 -30.46 -13.60
C ALA A 79 6.97 -31.28 -13.32
N HIS A 80 5.92 -31.03 -14.10
CA HIS A 80 4.71 -31.79 -13.97
C HIS A 80 4.42 -32.47 -15.30
N ILE A 81 3.87 -33.69 -15.19
CA ILE A 81 3.71 -34.66 -16.30
C ILE A 81 2.52 -34.34 -17.19
N ASP A 82 1.40 -34.00 -16.56
CA ASP A 82 0.21 -33.74 -17.33
C ASP A 82 0.37 -32.53 -18.21
N MET A 83 -0.27 -32.60 -19.36
CA MET A 83 -0.30 -31.55 -20.34
C MET A 83 -1.70 -30.97 -20.20
N VAL A 84 -2.08 -30.03 -21.06
CA VAL A 84 -3.45 -29.51 -21.06
C VAL A 84 -4.14 -29.77 -22.39
N PRO A 85 -5.32 -30.46 -22.35
CA PRO A 85 -6.04 -30.86 -23.56
C PRO A 85 -6.84 -29.72 -24.19
N GLN A 86 -6.34 -29.14 -25.28
CA GLN A 86 -7.16 -28.18 -26.01
C GLN A 86 -6.90 -28.29 -27.48
N LYS A 87 -7.94 -28.52 -28.23
CA LYS A 87 -7.83 -28.75 -29.63
C LYS A 87 -8.38 -27.58 -30.35
N ASN A 88 -7.99 -27.48 -31.60
CA ASN A 88 -8.47 -26.45 -32.48
C ASN A 88 -9.88 -26.90 -32.82
N GLU A 89 -10.78 -25.93 -32.98
CA GLU A 89 -12.20 -26.22 -33.19
C GLU A 89 -12.39 -26.55 -34.67
N ASP A 90 -11.93 -27.74 -35.07
CA ASP A 90 -11.99 -28.22 -36.45
C ASP A 90 -10.85 -29.19 -36.85
N THR A 91 -10.43 -30.07 -35.94
CA THR A 91 -9.37 -31.05 -36.22
C THR A 91 -9.59 -32.25 -35.30
N ASP A 92 -9.38 -33.45 -35.82
CA ASP A 92 -9.65 -34.66 -35.03
C ASP A 92 -8.52 -35.00 -34.06
N HIS A 93 -8.82 -35.00 -32.76
CA HIS A 93 -7.81 -35.38 -31.78
C HIS A 93 -8.40 -35.98 -30.51
N ASP A 94 -8.21 -37.28 -30.31
CA ASP A 94 -8.58 -37.88 -29.04
C ASP A 94 -7.40 -37.73 -28.10
N PHE A 95 -7.46 -36.73 -27.24
CA PHE A 95 -6.37 -36.49 -26.30
C PHE A 95 -5.98 -37.73 -25.51
N THR A 96 -6.94 -38.49 -25.01
CA THR A 96 -6.59 -39.68 -24.24
C THR A 96 -5.71 -40.60 -25.07
N GLN A 97 -5.90 -40.59 -26.39
CA GLN A 97 -5.25 -41.58 -27.26
C GLN A 97 -4.22 -41.12 -28.31
N ASP A 98 -4.43 -39.93 -28.87
CA ASP A 98 -3.56 -39.39 -29.92
C ASP A 98 -2.33 -38.61 -29.45
N PRO A 99 -1.21 -38.74 -30.22
CA PRO A 99 0.07 -38.08 -29.97
C PRO A 99 0.05 -36.63 -30.41
N ILE A 100 0.89 -35.81 -29.80
CA ILE A 100 1.08 -34.44 -30.28
C ILE A 100 1.96 -34.47 -31.51
N GLN A 101 1.55 -33.77 -32.56
CA GLN A 101 2.40 -33.71 -33.72
C GLN A 101 3.16 -32.39 -33.66
N PRO A 102 4.32 -32.34 -33.00
CA PRO A 102 5.03 -31.06 -32.97
C PRO A 102 5.63 -30.80 -34.34
N TYR A 103 5.73 -29.54 -34.73
CA TYR A 103 6.43 -29.17 -35.95
C TYR A 103 7.20 -27.88 -35.78
N ILE A 104 8.11 -27.60 -36.70
CA ILE A 104 8.95 -26.40 -36.62
C ILE A 104 8.51 -25.34 -37.62
N ASP A 105 8.17 -24.15 -37.13
CA ASP A 105 7.82 -23.03 -38.00
C ASP A 105 8.57 -21.80 -37.53
N GLY A 106 9.75 -21.57 -38.13
CA GLY A 106 10.58 -20.38 -37.86
C GLY A 106 11.40 -20.41 -36.58
N GLU A 107 11.11 -19.51 -35.67
CA GLU A 107 11.84 -19.41 -34.41
C GLU A 107 11.10 -20.20 -33.32
N TRP A 108 10.08 -20.94 -33.75
CA TRP A 108 9.10 -21.58 -32.87
C TRP A 108 8.83 -23.05 -33.19
N VAL A 109 8.36 -23.79 -32.19
CA VAL A 109 7.87 -25.13 -32.42
C VAL A 109 6.48 -25.16 -31.84
N THR A 110 5.50 -25.51 -32.68
CA THR A 110 4.10 -25.63 -32.26
C THR A 110 3.52 -26.98 -32.74
N ALA A 111 2.39 -27.38 -32.19
CA ALA A 111 1.64 -28.54 -32.68
C ALA A 111 0.48 -27.99 -33.44
N LYS A 112 0.02 -28.66 -34.48
CA LYS A 112 -1.17 -28.09 -35.13
C LYS A 112 -2.53 -28.66 -34.74
N GLY A 113 -3.44 -27.72 -34.53
CA GLY A 113 -4.77 -28.01 -34.10
C GLY A 113 -4.79 -28.47 -32.66
N THR A 114 -3.71 -28.23 -31.92
CA THR A 114 -3.65 -28.72 -30.54
C THR A 114 -2.60 -28.06 -29.61
N THR A 115 -2.90 -27.95 -28.32
CA THR A 115 -1.91 -27.56 -27.33
C THR A 115 -0.69 -28.44 -27.48
N LEU A 116 0.50 -27.88 -27.22
CA LEU A 116 1.76 -28.56 -27.45
C LEU A 116 2.33 -29.23 -26.22
N GLY A 117 1.96 -28.76 -25.04
CA GLY A 117 2.46 -29.37 -23.80
C GLY A 117 3.92 -29.06 -23.56
N ALA A 118 4.43 -28.08 -24.30
CA ALA A 118 5.80 -27.63 -24.12
C ALA A 118 6.04 -27.33 -22.65
N ASP A 119 4.94 -27.20 -21.90
CA ASP A 119 5.01 -26.94 -20.47
C ASP A 119 4.55 -28.17 -19.69
N ASN A 120 5.50 -28.88 -19.08
CA ASN A 120 6.90 -28.53 -19.18
C ASN A 120 7.63 -29.42 -20.17
N GLY A 121 6.89 -29.86 -21.20
CA GLY A 121 7.49 -30.65 -22.26
C GLY A 121 8.89 -30.12 -22.50
N ILE A 122 9.07 -28.85 -22.14
CA ILE A 122 10.37 -28.20 -22.21
C ILE A 122 11.05 -28.25 -20.85
N GLY A 123 10.27 -28.53 -19.80
CA GLY A 123 10.85 -28.61 -18.46
C GLY A 123 11.22 -30.01 -18.02
N MET A 124 10.33 -30.97 -18.29
CA MET A 124 10.54 -32.35 -17.83
C MET A 124 11.50 -33.12 -18.69
N ALA A 125 11.47 -32.88 -20.00
CA ALA A 125 12.48 -33.41 -20.90
C ALA A 125 13.86 -32.97 -20.41
N SER A 126 13.94 -31.69 -20.10
CA SER A 126 15.09 -31.11 -19.44
C SER A 126 15.49 -31.98 -18.27
N CYS A 127 14.55 -32.25 -17.36
CA CYS A 127 14.87 -33.08 -16.20
C CYS A 127 15.47 -34.38 -16.65
N LEU A 128 14.80 -35.02 -17.59
CA LEU A 128 15.23 -36.28 -18.14
C LEU A 128 16.58 -36.23 -18.85
N ALA A 129 16.82 -35.14 -19.59
CA ALA A 129 18.11 -34.94 -20.20
C ALA A 129 19.23 -34.98 -19.15
N VAL A 130 19.10 -34.20 -18.07
CA VAL A 130 20.10 -34.20 -16.97
C VAL A 130 20.32 -35.61 -16.40
N LEU A 131 19.25 -36.35 -16.16
CA LEU A 131 19.42 -37.71 -15.66
C LEU A 131 20.29 -38.55 -16.60
N ALA A 132 19.98 -38.52 -17.90
CA ALA A 132 20.74 -39.26 -18.91
C ALA A 132 22.13 -38.70 -19.17
N SER A 133 22.30 -37.38 -19.06
CA SER A 133 23.59 -36.72 -19.34
C SER A 133 24.79 -37.36 -18.63
N LYS A 134 25.89 -37.54 -19.38
CA LYS A 134 27.12 -38.13 -18.80
C LYS A 134 28.19 -37.10 -18.40
N GLU A 135 28.01 -35.86 -18.82
CA GLU A 135 29.08 -34.87 -18.67
C GLU A 135 28.74 -33.57 -17.95
N ILE A 136 27.63 -33.57 -17.19
CA ILE A 136 27.36 -32.45 -16.29
C ILE A 136 27.92 -32.92 -14.96
N LYS A 137 28.81 -32.10 -14.42
CA LYS A 137 29.43 -32.37 -13.14
C LYS A 137 28.51 -31.86 -12.04
N HIS A 138 27.51 -32.67 -11.70
CA HIS A 138 26.52 -32.28 -10.68
C HIS A 138 26.72 -32.97 -9.34
N GLY A 139 26.13 -32.39 -8.30
CA GLY A 139 26.07 -33.01 -6.97
C GLY A 139 24.90 -33.99 -6.97
N PRO A 140 24.58 -34.59 -5.80
CA PRO A 140 23.45 -35.53 -5.75
C PRO A 140 22.14 -34.97 -6.29
N ILE A 141 21.29 -35.82 -6.86
CA ILE A 141 20.11 -35.31 -7.54
C ILE A 141 18.84 -36.16 -7.44
N GLU A 142 17.75 -35.45 -7.19
CA GLU A 142 16.40 -36.02 -7.21
C GLU A 142 15.61 -35.29 -8.29
N VAL A 143 14.76 -36.02 -8.99
CA VAL A 143 13.84 -35.42 -9.93
C VAL A 143 12.44 -35.68 -9.40
N LEU A 144 11.63 -34.63 -9.36
CA LEU A 144 10.24 -34.80 -8.98
C LEU A 144 9.31 -34.54 -10.14
N LEU A 145 8.55 -35.54 -10.52
CA LEU A 145 7.59 -35.34 -11.58
C LEU A 145 6.19 -35.45 -11.02
N THR A 146 5.57 -34.29 -10.83
CA THR A 146 4.25 -34.22 -10.22
C THR A 146 3.13 -34.39 -11.23
N ILE A 147 2.05 -34.96 -10.71
CA ILE A 147 0.86 -35.27 -11.48
C ILE A 147 -0.12 -34.12 -11.30
N ASP A 148 -0.62 -33.60 -12.42
CA ASP A 148 -1.70 -32.62 -12.40
C ASP A 148 -1.23 -31.23 -11.95
N GLU A 149 -1.05 -30.31 -12.89
CA GLU A 149 -0.93 -28.89 -12.54
C GLU A 149 -2.25 -28.25 -12.94
N GLU A 150 -2.82 -28.73 -14.06
CA GLU A 150 -4.01 -28.08 -14.66
C GLU A 150 -5.36 -28.70 -14.28
N ALA A 151 -5.37 -29.52 -13.24
CA ALA A 151 -6.62 -29.96 -12.63
C ALA A 151 -6.49 -29.85 -11.12
N GLY A 152 -6.43 -28.62 -10.63
CA GLY A 152 -6.34 -28.42 -9.18
C GLY A 152 -5.05 -28.92 -8.55
N MET A 153 -4.07 -29.15 -9.41
CA MET A 153 -2.72 -29.59 -9.02
C MET A 153 -2.71 -30.65 -7.92
N THR A 154 -3.56 -31.65 -8.09
CA THR A 154 -3.67 -32.73 -7.11
C THR A 154 -2.31 -33.22 -6.58
N GLY A 155 -1.41 -33.53 -7.49
CA GLY A 155 -0.11 -34.12 -7.18
C GLY A 155 0.75 -33.23 -6.31
N ALA A 156 0.55 -31.91 -6.40
CA ALA A 156 1.41 -30.96 -5.71
C ALA A 156 1.35 -31.00 -4.17
N PHE A 157 0.18 -31.16 -3.54
CA PHE A 157 0.20 -31.66 -2.15
C PHE A 157 -0.10 -33.14 -2.16
N GLY A 158 0.19 -33.79 -3.28
CA GLY A 158 0.07 -35.22 -3.37
C GLY A 158 0.66 -35.88 -2.13
N LEU A 159 1.89 -35.53 -1.80
CA LEU A 159 2.64 -36.18 -0.70
C LEU A 159 3.42 -35.14 0.10
N GLU A 160 4.27 -35.60 1.02
CA GLU A 160 4.96 -34.72 1.97
C GLU A 160 6.37 -35.26 2.21
N ALA A 161 7.05 -34.65 3.18
CA ALA A 161 8.47 -34.88 3.48
C ALA A 161 9.00 -36.29 3.75
N GLY A 162 10.32 -36.43 3.72
CA GLY A 162 10.96 -37.72 3.95
C GLY A 162 11.08 -38.45 2.63
N TRP A 163 10.79 -37.74 1.54
CA TRP A 163 10.85 -38.32 0.21
C TRP A 163 11.92 -37.60 -0.54
N LEU A 164 12.33 -36.44 -0.03
CA LEU A 164 13.43 -35.70 -0.63
C LEU A 164 14.43 -35.36 0.46
N LYS A 165 15.69 -35.16 0.04
CA LYS A 165 16.62 -34.33 0.79
C LYS A 165 17.12 -33.23 -0.16
N GLY A 166 17.91 -32.31 0.38
CA GLY A 166 18.44 -31.20 -0.40
C GLY A 166 17.48 -30.06 -0.18
N ASP A 167 17.99 -28.99 0.44
CA ASP A 167 17.16 -27.82 0.72
C ASP A 167 16.82 -26.97 -0.49
N ILE A 168 17.19 -27.44 -1.69
CA ILE A 168 16.93 -26.69 -2.91
C ILE A 168 15.99 -27.40 -3.87
N LEU A 169 15.25 -26.60 -4.65
CA LEU A 169 14.32 -27.12 -5.64
C LEU A 169 14.41 -26.28 -6.89
N LEU A 170 14.36 -26.91 -8.05
CA LEU A 170 14.35 -26.18 -9.29
C LEU A 170 13.13 -26.51 -10.14
N ASN A 171 12.14 -25.62 -10.07
CA ASN A 171 10.98 -25.78 -10.87
C ASN A 171 11.18 -25.15 -12.23
N THR A 172 10.78 -25.89 -13.26
CA THR A 172 11.02 -25.51 -14.64
C THR A 172 9.70 -25.11 -15.27
N ASP A 173 8.79 -24.55 -14.47
CA ASP A 173 7.40 -24.37 -14.89
C ASP A 173 7.08 -22.90 -15.26
N SER A 174 8.01 -21.99 -15.08
CA SER A 174 7.80 -20.61 -15.54
C SER A 174 7.89 -20.55 -17.05
N GLU A 175 7.33 -19.52 -17.66
CA GLU A 175 7.34 -19.42 -19.13
C GLU A 175 8.03 -18.20 -19.75
N GLN A 176 9.12 -17.75 -19.12
CA GLN A 176 10.05 -16.80 -19.75
C GLN A 176 11.54 -16.99 -19.42
N GLU A 177 12.38 -16.89 -20.47
CA GLU A 177 13.84 -16.84 -20.32
C GLU A 177 14.19 -15.48 -19.72
N GLY A 178 14.95 -15.49 -18.62
CA GLY A 178 15.28 -14.27 -17.88
C GLY A 178 14.21 -13.75 -16.93
N GLU A 179 13.34 -14.66 -16.49
CA GLU A 179 12.25 -14.36 -15.56
C GLU A 179 12.15 -15.42 -14.48
N VAL A 180 12.71 -15.16 -13.32
CA VAL A 180 12.62 -16.10 -12.22
C VAL A 180 11.56 -15.78 -11.15
N TYR A 181 11.25 -16.79 -10.36
CA TYR A 181 10.27 -16.70 -9.29
C TYR A 181 10.87 -17.12 -7.96
N MET A 182 10.74 -16.28 -6.95
CA MET A 182 11.26 -16.60 -5.63
C MET A 182 10.13 -16.68 -4.61
N GLY A 183 8.91 -16.42 -5.07
CA GLY A 183 7.75 -16.51 -4.21
C GLY A 183 6.45 -16.32 -4.93
N CYS A 184 5.38 -16.78 -4.29
CA CYS A 184 4.01 -16.50 -4.75
C CYS A 184 3.00 -16.41 -3.60
N ALA A 185 1.81 -15.94 -3.93
CA ALA A 185 0.71 -15.82 -2.99
C ALA A 185 -0.10 -17.10 -2.87
N GLY A 186 -0.48 -17.42 -1.63
CA GLY A 186 -1.50 -18.43 -1.38
C GLY A 186 -2.82 -17.74 -1.61
N GLY A 187 -3.91 -18.43 -1.34
CA GLY A 187 -5.20 -17.78 -1.46
C GLY A 187 -6.27 -18.49 -0.65
N ILE A 188 -7.45 -17.88 -0.57
CA ILE A 188 -8.58 -18.54 0.02
C ILE A 188 -9.88 -17.83 -0.35
N ASP A 189 -10.90 -18.60 -0.70
CA ASP A 189 -12.18 -18.06 -1.10
C ASP A 189 -12.94 -17.81 0.15
N GLY A 190 -13.58 -16.66 0.22
CA GLY A 190 -14.52 -16.32 1.31
C GLY A 190 -15.92 -15.99 0.80
N ALA A 191 -16.91 -16.21 1.64
CA ALA A 191 -18.30 -15.94 1.29
C ALA A 191 -19.13 -15.43 2.47
N MET A 192 -19.45 -14.14 2.44
CA MET A 192 -20.27 -13.55 3.47
C MET A 192 -21.71 -13.52 3.02
N THR A 193 -22.58 -14.19 3.79
CA THR A 193 -23.95 -14.39 3.38
C THR A 193 -24.86 -13.76 4.39
N PHE A 194 -25.97 -13.22 3.89
CA PHE A 194 -26.93 -12.48 4.70
C PHE A 194 -28.31 -13.11 4.61
N ASP A 195 -28.96 -13.29 5.75
CA ASP A 195 -30.30 -13.85 5.71
C ASP A 195 -31.36 -12.77 5.83
N ILE A 196 -31.77 -12.26 4.66
CA ILE A 196 -32.65 -11.11 4.58
C ILE A 196 -34.11 -11.42 4.31
N THR A 197 -34.95 -10.55 4.87
CA THR A 197 -36.40 -10.53 4.66
C THR A 197 -36.84 -9.19 4.03
N ARG A 198 -37.97 -9.21 3.34
CA ARG A 198 -38.38 -8.07 2.54
C ARG A 198 -39.74 -7.49 2.88
N ASP A 199 -39.78 -6.15 2.92
CA ASP A 199 -41.02 -5.40 3.09
C ASP A 199 -41.32 -4.62 1.83
N ALA A 200 -42.60 -4.53 1.49
CA ALA A 200 -43.03 -3.92 0.23
C ALA A 200 -42.72 -2.44 0.12
N ILE A 201 -42.48 -2.04 -1.13
CA ILE A 201 -42.22 -0.68 -1.58
C ILE A 201 -43.29 0.30 -1.11
N PRO A 202 -42.91 1.31 -0.29
CA PRO A 202 -43.97 2.22 0.17
C PRO A 202 -44.52 3.17 -0.92
N ALA A 203 -45.73 3.69 -0.69
CA ALA A 203 -46.49 4.43 -1.69
C ALA A 203 -45.67 5.55 -2.33
N GLY A 204 -45.71 5.58 -3.67
CA GLY A 204 -45.08 6.66 -4.46
C GLY A 204 -43.59 6.50 -4.75
N PHE A 205 -42.98 5.43 -4.24
CA PHE A 205 -41.55 5.25 -4.36
C PHE A 205 -41.20 4.83 -5.78
N ILE A 206 -40.87 5.82 -6.63
CA ILE A 206 -40.33 5.51 -7.97
C ILE A 206 -39.06 4.62 -7.82
N THR A 207 -38.88 3.63 -8.71
CA THR A 207 -37.71 2.74 -8.56
C THR A 207 -36.67 2.86 -9.68
N ARG A 208 -35.45 3.18 -9.27
CA ARG A 208 -34.36 3.45 -10.20
C ARG A 208 -33.28 2.37 -10.15
N GLN A 209 -32.41 2.40 -11.16
CA GLN A 209 -31.29 1.49 -11.29
C GLN A 209 -29.99 2.28 -11.52
N LEU A 210 -29.35 2.61 -10.41
CA LEU A 210 -28.06 3.25 -10.42
C LEU A 210 -26.99 2.22 -10.80
N THR A 211 -26.25 2.49 -11.85
CA THR A 211 -25.28 1.52 -12.33
C THR A 211 -23.89 2.15 -12.60
N LEU A 212 -22.85 1.39 -12.38
CA LEU A 212 -21.51 1.91 -12.57
C LEU A 212 -20.66 0.89 -13.32
N LYS A 213 -20.09 1.32 -14.45
CA LYS A 213 -19.24 0.43 -15.24
C LYS A 213 -18.17 1.17 -16.04
N GLY A 214 -17.48 0.41 -16.89
CA GLY A 214 -16.39 0.94 -17.70
C GLY A 214 -15.10 0.93 -16.91
N LEU A 215 -15.13 0.42 -15.68
CA LEU A 215 -13.91 0.21 -14.92
C LEU A 215 -13.01 -0.79 -15.65
N LYS A 216 -11.70 -0.49 -15.66
CA LYS A 216 -10.72 -1.28 -16.38
C LYS A 216 -10.64 -2.74 -15.88
N GLY A 217 -11.20 -2.98 -14.70
CA GLY A 217 -11.14 -4.30 -14.08
C GLY A 217 -9.72 -4.86 -14.08
N GLY A 218 -9.64 -6.18 -14.07
CA GLY A 218 -8.35 -6.86 -13.98
C GLY A 218 -8.45 -8.14 -13.19
N HIS A 219 -7.31 -8.76 -13.01
CA HIS A 219 -7.22 -10.02 -12.32
C HIS A 219 -6.82 -9.73 -10.86
N SER A 220 -7.68 -10.15 -9.93
CA SER A 220 -7.49 -9.92 -8.50
C SER A 220 -6.05 -10.14 -7.99
N GLY A 221 -5.27 -10.95 -8.69
CA GLY A 221 -3.93 -11.26 -8.24
C GLY A 221 -2.68 -10.55 -8.71
N CYS A 222 -2.54 -10.48 -10.03
CA CYS A 222 -1.39 -9.86 -10.65
C CYS A 222 -1.68 -8.33 -10.78
N ASP A 223 -2.95 -7.92 -10.76
CA ASP A 223 -3.32 -6.51 -10.96
C ASP A 223 -3.79 -5.73 -9.72
N ILE A 224 -3.56 -6.27 -8.53
CA ILE A 224 -4.17 -5.67 -7.34
C ILE A 224 -3.48 -4.37 -6.91
N HIS A 225 -2.16 -4.34 -7.07
CA HIS A 225 -1.30 -3.20 -6.71
C HIS A 225 -1.68 -1.89 -7.40
N THR A 226 -2.23 -1.98 -8.61
CA THR A 226 -2.63 -0.79 -9.36
C THR A 226 -3.75 -0.03 -8.65
N GLY A 227 -4.09 1.13 -9.18
CA GLY A 227 -5.15 1.95 -8.60
C GLY A 227 -6.56 1.51 -8.91
N ARG A 228 -6.71 0.41 -9.65
CA ARG A 228 -8.00 0.03 -10.26
C ARG A 228 -9.16 0.01 -9.27
N GLY A 229 -10.31 0.54 -9.70
CA GLY A 229 -11.45 0.67 -8.81
C GLY A 229 -12.20 -0.63 -8.68
N ASN A 230 -12.97 -0.78 -7.61
CA ASN A 230 -13.75 -1.98 -7.39
C ASN A 230 -15.20 -1.53 -7.42
N ALA A 231 -15.86 -1.85 -8.52
CA ALA A 231 -17.25 -1.48 -8.78
C ALA A 231 -18.19 -1.71 -7.57
N ASN A 232 -18.05 -2.87 -6.93
CA ASN A 232 -18.86 -3.27 -5.78
C ASN A 232 -18.76 -2.26 -4.70
N LYS A 233 -17.53 -1.86 -4.42
CA LYS A 233 -17.25 -1.01 -3.27
C LYS A 233 -17.66 0.42 -3.51
N LEU A 234 -17.47 0.88 -4.74
CA LEU A 234 -17.84 2.25 -5.04
C LEU A 234 -19.34 2.49 -4.87
N ILE A 235 -20.16 1.56 -5.36
CA ILE A 235 -21.60 1.65 -5.16
C ILE A 235 -22.01 1.45 -3.71
N GLY A 236 -21.17 0.80 -2.93
CA GLY A 236 -21.49 0.63 -1.53
C GLY A 236 -21.19 1.93 -0.83
N ARG A 237 -20.06 2.54 -1.20
CA ARG A 237 -19.56 3.75 -0.57
C ARG A 237 -20.62 4.83 -0.73
N PHE A 238 -21.29 4.80 -1.88
CA PHE A 238 -22.34 5.77 -2.16
C PHE A 238 -23.54 5.60 -1.25
N LEU A 239 -24.06 4.38 -1.16
CA LEU A 239 -25.21 4.10 -0.31
C LEU A 239 -24.87 4.30 1.16
N ALA A 240 -23.62 4.06 1.51
CA ALA A 240 -23.18 4.14 2.89
C ALA A 240 -23.46 5.54 3.42
N GLY A 241 -22.78 6.54 2.87
CA GLY A 241 -22.85 7.89 3.40
C GLY A 241 -24.17 8.55 3.19
N HIS A 242 -24.91 8.06 2.18
CA HIS A 242 -26.07 8.75 1.63
C HIS A 242 -27.45 8.11 1.59
N ALA A 243 -27.56 6.79 1.76
CA ALA A 243 -28.88 6.15 1.74
C ALA A 243 -29.93 6.76 2.70
N GLN A 244 -29.63 6.82 3.99
CA GLN A 244 -30.63 7.26 4.95
C GLN A 244 -30.98 8.73 4.73
N GLU A 245 -29.96 9.56 4.48
CA GLU A 245 -30.17 11.00 4.30
C GLU A 245 -31.14 11.14 3.12
N LEU A 246 -30.99 10.30 2.10
CA LEU A 246 -31.87 10.29 0.92
C LEU A 246 -33.10 9.37 1.04
N ASP A 247 -33.20 8.66 2.19
CA ASP A 247 -34.33 7.76 2.51
C ASP A 247 -34.70 6.73 1.41
N LEU A 248 -33.71 6.29 0.66
CA LEU A 248 -33.90 5.26 -0.36
C LEU A 248 -33.74 3.84 0.16
N ARG A 249 -34.51 2.94 -0.45
CA ARG A 249 -34.67 1.57 -0.01
C ARG A 249 -34.13 0.66 -1.09
N LEU A 250 -33.61 -0.47 -0.66
CA LEU A 250 -32.79 -1.31 -1.51
C LEU A 250 -33.50 -2.56 -1.98
N VAL A 251 -33.52 -2.75 -3.30
CA VAL A 251 -34.08 -3.99 -3.84
C VAL A 251 -33.05 -5.01 -4.36
N GLU A 252 -32.08 -4.50 -5.13
CA GLU A 252 -31.18 -5.33 -5.89
C GLU A 252 -29.72 -4.79 -5.81
N PHE A 253 -28.75 -5.71 -5.73
CA PHE A 253 -27.32 -5.39 -5.71
C PHE A 253 -26.58 -6.53 -6.43
N ARG A 254 -26.08 -6.26 -7.62
CA ARG A 254 -25.39 -7.25 -8.40
C ARG A 254 -24.10 -6.62 -8.89
N GLY A 255 -22.97 -7.27 -8.65
CA GLY A 255 -21.71 -6.72 -9.12
C GLY A 255 -20.70 -7.77 -9.41
N GLY A 256 -19.78 -7.44 -10.33
CA GLY A 256 -18.67 -8.30 -10.66
C GLY A 256 -19.05 -9.64 -11.26
N SER A 257 -18.04 -10.39 -11.69
CA SER A 257 -18.22 -11.65 -12.41
C SER A 257 -17.70 -12.93 -11.74
N LEU A 258 -16.62 -12.83 -10.99
CA LEU A 258 -16.07 -13.97 -10.24
C LEU A 258 -14.97 -13.42 -9.33
N ARG A 259 -14.71 -14.08 -8.20
CA ARG A 259 -13.70 -13.59 -7.24
C ARG A 259 -12.35 -13.31 -7.92
N ASN A 260 -12.05 -14.09 -8.94
CA ASN A 260 -10.81 -14.05 -9.69
C ASN A 260 -10.46 -12.71 -10.28
N ALA A 261 -11.46 -11.86 -10.47
CA ALA A 261 -11.32 -10.61 -11.24
C ALA A 261 -11.90 -9.41 -10.56
N ILE A 262 -11.11 -8.34 -10.53
CA ILE A 262 -11.53 -7.04 -9.98
C ILE A 262 -12.80 -6.57 -10.68
N PRO A 263 -13.90 -6.36 -9.90
CA PRO A 263 -15.20 -6.23 -10.56
C PRO A 263 -15.28 -4.89 -11.27
N ARG A 264 -15.64 -4.91 -12.54
CA ARG A 264 -15.65 -3.69 -13.33
C ARG A 264 -17.04 -3.09 -13.47
N GLU A 265 -18.07 -3.91 -13.38
CA GLU A 265 -19.41 -3.42 -13.52
C GLU A 265 -20.17 -3.84 -12.31
N ALA A 266 -20.99 -2.97 -11.76
CA ALA A 266 -21.82 -3.34 -10.62
C ALA A 266 -23.01 -2.44 -10.65
N PHE A 267 -24.10 -2.87 -10.03
CA PHE A 267 -25.26 -2.02 -9.99
C PHE A 267 -26.19 -2.32 -8.83
N VAL A 268 -26.95 -1.32 -8.46
CA VAL A 268 -27.95 -1.45 -7.45
C VAL A 268 -29.20 -0.91 -8.10
N THR A 269 -30.34 -1.57 -7.87
CA THR A 269 -31.62 -0.93 -8.14
C THR A 269 -32.22 -0.62 -6.77
N VAL A 270 -32.81 0.56 -6.66
CA VAL A 270 -33.37 1.01 -5.40
C VAL A 270 -34.73 1.64 -5.61
N ALA A 271 -35.50 1.66 -4.52
CA ALA A 271 -36.75 2.41 -4.44
C ALA A 271 -36.52 3.68 -3.62
N LEU A 272 -37.14 4.78 -4.05
CA LEU A 272 -37.10 6.09 -3.34
C LEU A 272 -38.34 6.93 -3.65
N PRO A 273 -38.69 7.89 -2.74
CA PRO A 273 -39.77 8.84 -3.02
C PRO A 273 -39.46 9.61 -4.31
N ALA A 274 -40.47 9.76 -5.17
CA ALA A 274 -40.28 10.50 -6.44
C ALA A 274 -39.83 11.96 -6.22
N GLU A 275 -40.05 12.47 -5.00
CA GLU A 275 -39.55 13.77 -4.51
C GLU A 275 -38.03 13.93 -4.62
N ASN A 276 -37.32 12.89 -4.20
CA ASN A 276 -35.86 12.95 -4.12
C ASN A 276 -35.21 12.43 -5.41
N GLN A 277 -35.97 12.40 -6.51
CA GLN A 277 -35.48 11.89 -7.79
C GLN A 277 -34.42 12.80 -8.40
N ASP A 278 -34.62 14.11 -8.31
CA ASP A 278 -33.66 15.07 -8.89
C ASP A 278 -32.48 15.25 -7.96
N LYS A 279 -32.75 15.15 -6.65
CA LYS A 279 -31.69 15.11 -5.64
C LYS A 279 -30.74 13.95 -5.91
N LEU A 280 -31.28 12.73 -5.82
CA LEU A 280 -30.56 11.49 -6.11
C LEU A 280 -29.81 11.57 -7.43
N ALA A 281 -30.50 11.95 -8.50
CA ALA A 281 -29.86 12.08 -9.83
C ALA A 281 -28.72 13.08 -9.80
N GLU A 282 -28.84 14.11 -8.96
CA GLU A 282 -27.78 15.11 -8.83
C GLU A 282 -26.65 14.64 -7.93
N LEU A 283 -27.02 14.10 -6.76
CA LEU A 283 -26.04 13.51 -5.84
C LEU A 283 -25.20 12.42 -6.51
N PHE A 284 -25.85 11.67 -7.39
CA PHE A 284 -25.23 10.51 -8.02
C PHE A 284 -24.32 10.94 -9.14
N ASN A 285 -24.75 12.00 -9.83
CA ASN A 285 -23.93 12.66 -10.84
C ASN A 285 -22.76 13.41 -10.24
N TYR A 286 -23.05 14.08 -9.13
CA TYR A 286 -22.01 14.64 -8.31
C TYR A 286 -21.04 13.50 -8.01
N TYR A 287 -21.51 12.54 -7.21
CA TYR A 287 -20.72 11.39 -6.80
C TYR A 287 -19.89 10.84 -7.94
N THR A 288 -20.49 10.57 -9.09
CA THR A 288 -19.72 9.96 -10.18
C THR A 288 -18.60 10.88 -10.65
N GLU A 289 -18.87 12.18 -10.68
CA GLU A 289 -17.85 13.13 -11.12
C GLU A 289 -16.63 13.00 -10.23
N LEU A 290 -16.87 13.12 -8.92
CA LEU A 290 -15.86 12.95 -7.89
C LEU A 290 -15.02 11.71 -8.15
N LEU A 291 -15.66 10.64 -8.56
CA LEU A 291 -14.93 9.41 -8.86
C LEU A 291 -13.85 9.63 -9.91
N LYS A 292 -14.22 10.36 -10.98
CA LYS A 292 -13.32 10.67 -12.11
C LYS A 292 -12.19 11.61 -11.69
N THR A 293 -12.51 12.58 -10.85
CA THR A 293 -11.49 13.38 -10.15
C THR A 293 -10.51 12.45 -9.42
N GLU A 294 -11.04 11.57 -8.55
CA GLU A 294 -10.22 10.59 -7.80
C GLU A 294 -9.47 9.56 -8.65
N LEU A 295 -10.17 8.81 -9.49
CA LEU A 295 -9.59 7.70 -10.24
C LEU A 295 -9.25 8.04 -11.72
N GLY A 296 -9.49 9.30 -12.09
CA GLY A 296 -9.29 9.77 -13.46
C GLY A 296 -7.97 9.42 -14.11
N LYS A 297 -6.90 9.39 -13.33
CA LYS A 297 -5.58 9.09 -13.87
C LYS A 297 -5.54 7.63 -14.41
N ILE A 298 -5.76 6.66 -13.51
CA ILE A 298 -5.75 5.22 -13.84
C ILE A 298 -7.06 4.74 -14.52
N GLU A 299 -8.19 5.34 -14.13
CA GLU A 299 -9.49 4.90 -14.61
C GLU A 299 -10.05 5.88 -15.62
N THR A 300 -9.80 5.60 -16.89
CA THR A 300 -10.11 6.53 -17.99
C THR A 300 -11.60 6.55 -18.35
N ASP A 301 -12.14 5.39 -18.70
CA ASP A 301 -13.55 5.34 -19.06
C ASP A 301 -14.43 4.94 -17.89
N ILE A 302 -14.88 5.92 -17.12
CA ILE A 302 -15.70 5.62 -15.95
C ILE A 302 -17.08 6.18 -16.23
N VAL A 303 -18.03 5.29 -16.38
CA VAL A 303 -19.36 5.72 -16.74
C VAL A 303 -20.37 5.18 -15.74
N THR A 304 -21.34 6.02 -15.40
CA THR A 304 -22.46 5.59 -14.58
C THR A 304 -23.73 5.78 -15.41
N PHE A 305 -24.82 5.21 -14.93
CA PHE A 305 -26.12 5.30 -15.57
C PHE A 305 -27.23 5.23 -14.52
N ASN A 306 -28.30 5.99 -14.73
CA ASN A 306 -29.40 6.03 -13.77
C ASN A 306 -30.78 6.00 -14.41
N GLU A 307 -31.20 4.82 -14.87
CA GLU A 307 -32.50 4.64 -15.49
C GLU A 307 -33.45 4.12 -14.42
N GLU A 308 -34.74 4.06 -14.72
CA GLU A 308 -35.69 3.47 -13.77
C GLU A 308 -36.58 2.41 -14.39
N VAL A 309 -36.69 1.26 -13.72
CA VAL A 309 -37.78 0.35 -14.02
C VAL A 309 -38.43 0.13 -12.66
N ALA A 310 -39.65 0.62 -12.52
CA ALA A 310 -40.40 0.52 -11.27
C ALA A 310 -41.09 -0.83 -11.14
N THR A 311 -40.30 -1.89 -11.04
CA THR A 311 -40.83 -3.26 -10.89
C THR A 311 -40.90 -3.68 -9.43
N ASP A 312 -41.91 -4.46 -9.07
CA ASP A 312 -42.00 -5.04 -7.71
C ASP A 312 -41.53 -6.51 -7.72
N ALA A 313 -40.63 -6.88 -6.78
CA ALA A 313 -39.93 -5.99 -5.84
C ALA A 313 -39.79 -6.61 -4.47
N GLN A 314 -40.41 -5.97 -3.47
CA GLN A 314 -40.14 -6.27 -2.07
C GLN A 314 -38.74 -5.76 -1.73
N VAL A 315 -38.70 -4.59 -1.09
CA VAL A 315 -37.47 -3.97 -0.66
C VAL A 315 -36.88 -4.72 0.56
N PHE A 316 -35.55 -4.66 0.74
CA PHE A 316 -34.89 -5.13 1.96
C PHE A 316 -35.55 -4.51 3.16
N ALA A 317 -35.78 -5.29 4.19
CA ALA A 317 -36.12 -4.70 5.48
C ALA A 317 -35.04 -3.67 5.83
N ILE A 318 -35.38 -2.73 6.71
CA ILE A 318 -34.43 -1.69 7.09
C ILE A 318 -33.17 -2.27 7.74
N ALA A 319 -33.37 -3.08 8.80
CA ALA A 319 -32.28 -3.63 9.59
C ALA A 319 -31.34 -4.48 8.76
N ASP A 320 -31.87 -5.11 7.73
CA ASP A 320 -31.06 -5.87 6.78
C ASP A 320 -30.28 -4.97 5.82
N GLN A 321 -30.97 -3.95 5.30
CA GLN A 321 -30.35 -2.93 4.45
C GLN A 321 -29.21 -2.28 5.21
N GLN A 322 -29.48 -1.90 6.44
CA GLN A 322 -28.47 -1.25 7.24
C GLN A 322 -27.22 -2.12 7.41
N ARG A 323 -27.39 -3.32 7.99
CA ARG A 323 -26.24 -4.20 8.31
C ARG A 323 -25.43 -4.66 7.10
N PHE A 324 -26.11 -4.91 5.99
CA PHE A 324 -25.42 -5.31 4.78
C PHE A 324 -24.56 -4.14 4.30
N ILE A 325 -25.14 -2.95 4.25
CA ILE A 325 -24.38 -1.81 3.74
C ILE A 325 -23.18 -1.44 4.65
N ALA A 326 -23.38 -1.35 5.96
CA ALA A 326 -22.25 -1.14 6.87
C ALA A 326 -21.16 -2.18 6.63
N ALA A 327 -21.60 -3.43 6.46
CA ALA A 327 -20.70 -4.55 6.25
C ALA A 327 -19.92 -4.28 4.99
N LEU A 328 -20.61 -4.18 3.86
CA LEU A 328 -19.94 -3.93 2.61
C LEU A 328 -18.95 -2.76 2.72
N ASN A 329 -19.37 -1.67 3.35
CA ASN A 329 -18.51 -0.51 3.52
C ASN A 329 -17.31 -0.69 4.44
N ALA A 330 -17.55 -1.29 5.60
CA ALA A 330 -16.50 -1.48 6.59
C ALA A 330 -15.44 -2.39 6.00
N CYS A 331 -15.92 -3.48 5.41
CA CYS A 331 -15.09 -4.54 4.88
C CYS A 331 -13.84 -4.07 4.10
N PRO A 332 -12.65 -4.56 4.48
CA PRO A 332 -11.41 -4.20 3.79
C PRO A 332 -11.41 -4.69 2.34
N ASN A 333 -10.59 -4.06 1.51
CA ASN A 333 -10.47 -4.40 0.09
C ASN A 333 -9.20 -3.81 -0.52
N GLY A 334 -8.64 -4.50 -1.50
CA GLY A 334 -7.41 -4.06 -2.14
C GLY A 334 -6.20 -4.65 -1.46
N VAL A 335 -5.16 -3.84 -1.28
CA VAL A 335 -3.90 -4.30 -0.67
C VAL A 335 -3.97 -4.16 0.84
N MET A 336 -3.56 -5.16 1.58
CA MET A 336 -3.54 -4.99 3.02
C MET A 336 -2.16 -4.60 3.53
N ARG A 337 -1.11 -5.03 2.83
CA ARG A 337 0.25 -4.88 3.31
C ARG A 337 1.25 -5.17 2.21
N MET A 338 2.24 -4.30 2.08
CA MET A 338 3.29 -4.42 1.09
C MET A 338 4.46 -5.15 1.75
N SER A 339 5.25 -5.87 0.97
CA SER A 339 6.29 -6.70 1.55
C SER A 339 7.50 -5.87 1.81
N ASP A 340 8.18 -6.14 2.92
CA ASP A 340 9.41 -5.41 3.21
C ASP A 340 10.63 -6.22 2.83
N GLU A 341 10.49 -7.54 2.76
CA GLU A 341 11.60 -8.36 2.32
C GLU A 341 11.93 -8.11 0.86
N VAL A 342 10.94 -7.78 0.05
CA VAL A 342 11.22 -7.47 -1.35
C VAL A 342 10.67 -6.31 -2.16
N GLU A 343 11.18 -5.12 -1.85
CA GLU A 343 11.37 -4.09 -2.87
C GLU A 343 10.04 -3.89 -3.63
N GLY A 344 8.98 -3.48 -2.95
CA GLY A 344 7.73 -3.08 -3.60
C GLY A 344 6.69 -4.08 -4.11
N VAL A 345 6.58 -5.20 -3.42
CA VAL A 345 5.71 -6.31 -3.80
C VAL A 345 4.58 -6.40 -2.79
N VAL A 346 3.37 -6.67 -3.29
CA VAL A 346 2.21 -6.87 -2.41
C VAL A 346 2.31 -8.16 -1.58
N GLU A 347 2.34 -8.00 -0.26
CA GLU A 347 2.35 -9.15 0.62
C GLU A 347 0.95 -9.75 0.84
N THR A 348 -0.05 -8.92 1.13
CA THR A 348 -1.40 -9.42 1.38
C THR A 348 -2.44 -8.57 0.66
N SER A 349 -3.53 -9.19 0.23
CA SER A 349 -4.60 -8.45 -0.42
C SER A 349 -5.86 -9.26 -0.46
N LEU A 350 -6.96 -8.58 -0.79
CA LEU A 350 -8.23 -9.22 -1.00
C LEU A 350 -9.09 -8.43 -1.98
N ASN A 351 -10.00 -9.13 -2.62
CA ASN A 351 -10.83 -8.54 -3.64
C ASN A 351 -12.25 -8.94 -3.33
N VAL A 352 -13.11 -7.97 -3.00
CA VAL A 352 -14.53 -8.21 -2.94
C VAL A 352 -15.03 -8.18 -4.38
N GLY A 353 -15.02 -9.36 -4.98
CA GLY A 353 -15.21 -9.54 -6.42
C GLY A 353 -16.64 -9.76 -6.94
N VAL A 354 -17.50 -10.40 -6.15
CA VAL A 354 -18.86 -10.76 -6.62
C VAL A 354 -19.94 -10.49 -5.57
N ILE A 355 -20.99 -9.78 -5.96
CA ILE A 355 -22.13 -9.66 -5.08
C ILE A 355 -23.38 -9.98 -5.87
N THR A 356 -24.23 -10.83 -5.27
CA THR A 356 -25.47 -11.31 -5.87
C THR A 356 -26.59 -11.41 -4.80
N THR A 357 -27.68 -10.68 -5.05
CA THR A 357 -28.86 -10.65 -4.23
C THR A 357 -29.81 -11.66 -4.81
N GLU A 358 -30.70 -12.21 -3.99
CA GLU A 358 -31.83 -12.99 -4.49
C GLU A 358 -32.94 -12.75 -3.46
N GLU A 359 -34.08 -13.42 -3.56
CA GLU A 359 -35.07 -13.27 -2.47
C GLU A 359 -34.59 -14.00 -1.22
N ASN A 360 -34.40 -13.24 -0.15
CA ASN A 360 -33.99 -13.78 1.17
C ASN A 360 -32.50 -14.03 1.43
N LYS A 361 -31.66 -13.77 0.43
CA LYS A 361 -30.23 -14.01 0.53
C LYS A 361 -29.43 -13.00 -0.28
N VAL A 362 -28.51 -12.34 0.41
CA VAL A 362 -27.47 -11.54 -0.20
C VAL A 362 -26.16 -12.22 0.10
N THR A 363 -25.35 -12.38 -0.92
CA THR A 363 -24.12 -13.13 -0.78
C THR A 363 -22.95 -12.37 -1.40
N VAL A 364 -21.93 -12.16 -0.56
CA VAL A 364 -20.77 -11.36 -0.91
C VAL A 364 -19.59 -12.29 -1.01
N LEU A 365 -19.00 -12.41 -2.19
CA LEU A 365 -17.88 -13.32 -2.42
C LEU A 365 -16.57 -12.59 -2.68
N CYS A 366 -15.51 -13.11 -2.07
CA CYS A 366 -14.21 -12.47 -2.11
C CYS A 366 -13.05 -13.46 -1.96
N LEU A 367 -11.85 -12.99 -2.28
CA LEU A 367 -10.72 -13.88 -2.37
C LEU A 367 -9.46 -13.23 -1.79
N ILE A 368 -8.98 -13.79 -0.68
CA ILE A 368 -7.82 -13.23 -0.03
C ILE A 368 -6.59 -13.90 -0.61
N ARG A 369 -5.60 -13.09 -0.93
CA ARG A 369 -4.31 -13.56 -1.38
C ARG A 369 -3.25 -13.11 -0.42
N SER A 370 -2.17 -13.89 -0.32
CA SER A 370 -1.04 -13.54 0.52
C SER A 370 0.18 -14.43 0.26
N LEU A 371 1.37 -13.87 0.49
CA LEU A 371 2.62 -14.61 0.40
C LEU A 371 2.83 -15.23 1.77
N ILE A 372 2.73 -14.43 2.82
CA ILE A 372 2.76 -15.01 4.16
C ILE A 372 1.37 -15.60 4.50
N ASP A 373 1.33 -16.90 4.73
CA ASP A 373 0.07 -17.56 5.03
C ASP A 373 -0.47 -17.09 6.38
N SER A 374 0.44 -16.58 7.20
CA SER A 374 0.08 -15.98 8.48
C SER A 374 -0.81 -14.74 8.26
N GLY A 375 -0.45 -13.92 7.27
CA GLY A 375 -1.24 -12.76 6.90
C GLY A 375 -2.59 -13.07 6.27
N ARG A 376 -2.72 -14.23 5.66
CA ARG A 376 -3.97 -14.61 5.03
C ARG A 376 -4.99 -14.88 6.10
N SER A 377 -4.56 -15.49 7.20
CA SER A 377 -5.38 -15.68 8.38
C SER A 377 -5.74 -14.36 8.99
N GLN A 378 -4.73 -13.52 9.20
CA GLN A 378 -4.97 -12.23 9.76
C GLN A 378 -6.22 -11.65 9.08
N VAL A 379 -6.20 -11.57 7.75
CA VAL A 379 -7.31 -11.04 6.96
C VAL A 379 -8.62 -11.82 7.11
N GLU A 380 -8.56 -13.14 7.20
CA GLU A 380 -9.77 -13.91 7.33
C GLU A 380 -10.47 -13.44 8.61
N GLY A 381 -9.67 -13.25 9.67
CA GLY A 381 -10.18 -12.88 10.96
C GLY A 381 -10.89 -11.55 10.94
N MET A 382 -10.39 -10.61 10.14
CA MET A 382 -11.04 -9.31 9.97
C MET A 382 -12.37 -9.40 9.27
N LEU A 383 -12.45 -10.23 8.24
CA LEU A 383 -13.70 -10.52 7.59
C LEU A 383 -14.72 -11.08 8.57
N GLN A 384 -14.25 -11.99 9.42
CA GLN A 384 -15.09 -12.61 10.43
C GLN A 384 -15.55 -11.60 11.47
N SER A 385 -14.65 -10.71 11.87
CA SER A 385 -15.00 -9.61 12.76
C SER A 385 -16.18 -8.82 12.18
N VAL A 386 -16.07 -8.44 10.91
CA VAL A 386 -17.14 -7.76 10.20
C VAL A 386 -18.37 -8.65 10.18
N ALA A 387 -18.24 -9.82 9.55
CA ALA A 387 -19.31 -10.83 9.47
C ALA A 387 -20.07 -10.97 10.79
N GLU A 388 -19.33 -11.15 11.89
CA GLU A 388 -19.88 -11.15 13.25
C GLU A 388 -20.72 -9.88 13.54
N LEU A 389 -20.05 -8.73 13.56
CA LEU A 389 -20.71 -7.46 13.80
C LEU A 389 -21.95 -7.24 12.98
N ALA A 390 -22.10 -7.94 11.88
CA ALA A 390 -23.20 -7.68 10.94
C ALA A 390 -24.33 -8.69 11.06
N GLY A 391 -24.10 -9.74 11.86
CA GLY A 391 -25.04 -10.85 11.98
C GLY A 391 -25.11 -11.71 10.72
N ALA A 392 -24.01 -11.75 9.97
CA ALA A 392 -23.94 -12.52 8.72
C ALA A 392 -23.02 -13.72 8.90
N GLN A 393 -22.97 -14.59 7.90
CA GLN A 393 -22.13 -15.77 7.97
C GLN A 393 -21.04 -15.77 6.91
N ILE A 394 -19.82 -16.14 7.28
CA ILE A 394 -18.79 -16.43 6.29
C ILE A 394 -18.24 -17.83 6.37
N GLU A 395 -18.03 -18.44 5.22
CA GLU A 395 -17.41 -19.74 5.10
C GLU A 395 -16.17 -19.57 4.27
N PHE A 396 -15.12 -20.29 4.66
CA PHE A 396 -13.88 -20.33 3.89
C PHE A 396 -13.65 -21.70 3.27
N SER A 397 -12.93 -21.70 2.16
CA SER A 397 -12.65 -22.90 1.41
C SER A 397 -11.70 -22.51 0.32
N GLY A 398 -11.28 -23.51 -0.47
CA GLY A 398 -10.36 -23.32 -1.59
C GLY A 398 -9.03 -22.74 -1.15
N ALA A 399 -8.59 -23.14 0.04
CA ALA A 399 -7.38 -22.61 0.65
C ALA A 399 -6.15 -23.31 0.10
N TYR A 400 -5.16 -22.53 -0.34
CA TYR A 400 -3.89 -23.07 -0.83
C TYR A 400 -2.67 -22.24 -0.37
N PRO A 401 -1.59 -22.92 -0.01
CA PRO A 401 -0.42 -22.27 0.58
C PRO A 401 0.31 -21.32 -0.35
N GLY A 402 0.94 -20.30 0.24
CA GLY A 402 1.76 -19.35 -0.48
C GLY A 402 3.22 -19.70 -0.30
N TRP A 403 4.08 -18.95 -0.99
CA TRP A 403 5.52 -19.18 -0.97
C TRP A 403 6.25 -17.87 -0.59
N LYS A 404 6.71 -17.78 0.66
CA LYS A 404 7.32 -16.53 1.13
C LYS A 404 8.72 -16.33 0.56
N PRO A 405 8.95 -15.16 -0.05
CA PRO A 405 10.28 -14.87 -0.61
C PRO A 405 11.35 -14.52 0.43
N ASP A 406 12.41 -15.31 0.47
CA ASP A 406 13.58 -15.04 1.30
C ASP A 406 14.66 -14.33 0.50
N ALA A 407 14.96 -13.09 0.87
CA ALA A 407 15.92 -12.28 0.15
C ALA A 407 17.36 -12.75 0.33
N ASP A 408 18.06 -12.82 -0.80
CA ASP A 408 19.38 -13.40 -0.92
C ASP A 408 19.52 -14.76 -0.21
N SER A 409 18.49 -15.60 -0.38
CA SER A 409 18.62 -17.02 -0.15
C SER A 409 19.81 -17.46 -1.01
N GLU A 410 20.42 -18.57 -0.60
CA GLU A 410 21.53 -19.20 -1.34
C GLU A 410 21.36 -19.26 -2.87
N ILE A 411 20.24 -19.87 -3.26
CA ILE A 411 19.95 -20.27 -4.63
C ILE A 411 19.50 -19.09 -5.48
N MET A 412 18.68 -18.21 -4.89
CA MET A 412 18.34 -16.99 -5.60
C MET A 412 19.60 -16.20 -5.92
N ALA A 413 20.49 -16.11 -4.94
CA ALA A 413 21.73 -15.34 -5.05
C ALA A 413 22.58 -15.92 -6.16
N ILE A 414 22.78 -17.23 -6.09
CA ILE A 414 23.53 -17.96 -7.09
C ILE A 414 22.95 -17.72 -8.46
N PHE A 415 21.72 -18.17 -8.65
CA PHE A 415 21.04 -18.02 -9.92
C PHE A 415 21.28 -16.62 -10.46
N ARG A 416 21.10 -15.64 -9.58
CA ARG A 416 21.20 -14.24 -9.98
C ARG A 416 22.60 -13.98 -10.52
N ASP A 417 23.59 -14.49 -9.79
CA ASP A 417 25.00 -14.22 -10.11
C ASP A 417 25.59 -15.18 -11.15
N MET A 418 25.01 -16.37 -11.26
CA MET A 418 25.39 -17.32 -12.30
C MET A 418 24.80 -16.93 -13.68
N TYR A 419 23.68 -16.24 -13.67
CA TYR A 419 23.04 -15.78 -14.91
C TYR A 419 23.80 -14.55 -15.36
N GLU A 420 24.29 -13.80 -14.38
CA GLU A 420 25.07 -12.59 -14.60
C GLU A 420 26.49 -12.92 -15.12
N GLY A 421 26.92 -14.16 -14.86
CA GLY A 421 28.15 -14.71 -15.39
C GLY A 421 27.96 -15.30 -16.79
N ILE A 422 26.72 -15.58 -17.18
CA ILE A 422 26.41 -16.12 -18.52
C ILE A 422 25.83 -15.05 -19.43
N TYR A 423 25.25 -14.02 -18.84
CA TYR A 423 24.64 -12.95 -19.62
C TYR A 423 25.13 -11.65 -19.02
N GLY A 424 25.26 -10.63 -19.88
CA GLY A 424 25.84 -9.34 -19.48
C GLY A 424 25.03 -8.57 -18.45
N HIS A 425 23.98 -9.21 -17.92
CA HIS A 425 23.04 -8.57 -16.99
C HIS A 425 22.38 -9.57 -16.03
N LYS A 426 21.40 -9.08 -15.25
CA LYS A 426 20.63 -9.91 -14.32
C LYS A 426 19.21 -10.29 -14.79
N PRO A 427 18.70 -11.45 -14.33
CA PRO A 427 17.37 -11.85 -14.81
C PRO A 427 16.35 -10.92 -14.21
N ASN A 428 15.11 -11.02 -14.64
CA ASN A 428 14.04 -10.22 -14.06
C ASN A 428 13.37 -11.06 -12.96
N ILE A 429 14.05 -11.17 -11.81
CA ILE A 429 13.55 -11.98 -10.69
C ILE A 429 12.24 -11.38 -10.20
N MET A 430 11.27 -12.23 -9.85
CA MET A 430 9.91 -11.77 -9.52
C MET A 430 9.20 -12.46 -8.36
N VAL A 431 8.04 -11.92 -8.01
CA VAL A 431 7.11 -12.53 -7.07
C VAL A 431 5.72 -12.26 -7.62
N ILE A 432 5.00 -13.31 -8.04
CA ILE A 432 3.64 -13.09 -8.53
C ILE A 432 2.64 -13.24 -7.42
N HIS A 433 1.64 -12.38 -7.48
CA HIS A 433 0.59 -12.41 -6.50
C HIS A 433 -0.41 -13.40 -7.06
N ALA A 434 0.02 -14.67 -7.15
CA ALA A 434 -0.75 -15.74 -7.76
C ALA A 434 -0.28 -17.13 -7.30
N GLY A 435 -1.03 -18.16 -7.67
CA GLY A 435 -0.71 -19.53 -7.27
C GLY A 435 0.11 -20.26 -8.31
N LEU A 436 1.18 -20.89 -7.83
CA LEU A 436 2.05 -21.76 -8.61
C LEU A 436 2.28 -23.06 -7.83
N GLU A 437 2.42 -24.16 -8.57
CA GLU A 437 2.69 -25.47 -8.00
C GLU A 437 3.79 -25.46 -6.95
N CYS A 438 4.91 -24.82 -7.24
CA CYS A 438 6.00 -24.78 -6.25
C CYS A 438 5.61 -24.16 -4.90
N GLY A 439 4.46 -23.49 -4.86
CA GLY A 439 3.93 -22.96 -3.61
C GLY A 439 3.59 -24.11 -2.69
N LEU A 440 2.67 -24.96 -3.15
CA LEU A 440 2.22 -26.12 -2.40
C LEU A 440 3.40 -26.91 -1.86
N PHE A 441 4.55 -26.76 -2.51
CA PHE A 441 5.77 -27.46 -2.08
C PHE A 441 6.27 -26.95 -0.76
N LYS A 442 5.86 -25.74 -0.36
CA LYS A 442 6.30 -25.19 0.91
C LYS A 442 5.55 -25.72 2.13
N GLU A 443 4.40 -26.37 1.91
CA GLU A 443 3.65 -26.98 3.01
C GLU A 443 4.54 -27.98 3.80
N PRO A 444 4.97 -29.08 3.15
CA PRO A 444 6.08 -29.83 3.78
C PRO A 444 7.35 -29.22 3.20
N TYR A 445 8.50 -29.45 3.83
CA TYR A 445 9.77 -28.82 3.39
C TYR A 445 9.77 -27.27 3.35
N PRO A 446 9.23 -26.59 4.39
CA PRO A 446 9.44 -25.13 4.43
C PRO A 446 10.92 -24.81 4.44
N ASN A 447 11.73 -25.70 5.00
CA ASN A 447 13.17 -25.55 5.01
C ASN A 447 13.70 -25.31 3.59
N MET A 448 13.11 -25.99 2.61
CA MET A 448 13.55 -25.82 1.23
C MET A 448 13.19 -24.48 0.63
N ASP A 449 14.20 -23.79 0.14
CA ASP A 449 13.99 -22.61 -0.71
C ASP A 449 14.02 -23.13 -2.14
N MET A 450 13.74 -22.26 -3.10
CA MET A 450 13.60 -22.70 -4.47
C MET A 450 13.49 -21.59 -5.50
N VAL A 451 13.42 -22.01 -6.75
CA VAL A 451 13.39 -21.12 -7.88
C VAL A 451 12.53 -21.75 -8.95
N SER A 452 11.99 -20.89 -9.81
CA SER A 452 11.19 -21.31 -10.92
C SER A 452 11.54 -20.45 -12.12
N PHE A 453 12.07 -21.07 -13.16
CA PHE A 453 12.38 -20.43 -14.44
C PHE A 453 12.30 -21.49 -15.55
N GLY A 454 12.06 -21.04 -16.77
CA GLY A 454 12.08 -21.93 -17.93
C GLY A 454 12.20 -21.23 -19.26
N PRO A 455 12.06 -21.98 -20.37
CA PRO A 455 12.09 -21.41 -21.71
C PRO A 455 10.92 -20.49 -21.94
N THR A 456 10.95 -19.72 -23.03
CA THR A 456 9.85 -18.82 -23.34
C THR A 456 8.80 -19.50 -24.23
N ILE A 457 7.64 -19.80 -23.64
CA ILE A 457 6.53 -20.38 -24.37
C ILE A 457 5.37 -19.40 -24.38
N LYS A 458 4.77 -19.16 -25.55
CA LYS A 458 3.70 -18.19 -25.68
C LYS A 458 2.35 -18.82 -26.02
N PHE A 459 1.30 -18.41 -25.32
CA PHE A 459 -0.06 -18.94 -25.56
C PHE A 459 -0.28 -20.35 -25.05
N PRO A 460 0.26 -20.67 -23.86
CA PRO A 460 0.04 -22.06 -23.44
C PRO A 460 -1.46 -22.25 -23.25
N HIS A 461 -1.92 -23.51 -23.23
CA HIS A 461 -3.34 -23.81 -23.01
C HIS A 461 -4.20 -23.40 -24.22
N SER A 462 -3.57 -23.16 -25.36
CA SER A 462 -4.30 -22.95 -26.60
C SER A 462 -3.69 -23.72 -27.77
N PRO A 463 -4.47 -23.96 -28.83
CA PRO A 463 -3.87 -24.46 -30.07
C PRO A 463 -2.70 -23.58 -30.59
N ASP A 464 -2.43 -22.47 -29.91
CA ASP A 464 -1.39 -21.55 -30.36
C ASP A 464 -0.11 -21.69 -29.57
N GLU A 465 -0.13 -22.50 -28.52
CA GLU A 465 1.09 -22.73 -27.73
C GLU A 465 2.30 -22.90 -28.63
N LYS A 466 3.05 -21.81 -28.83
CA LYS A 466 4.30 -21.83 -29.61
C LYS A 466 5.47 -21.56 -28.67
N VAL A 467 6.53 -22.37 -28.79
CA VAL A 467 7.71 -22.24 -27.92
C VAL A 467 8.94 -21.78 -28.71
N LYS A 468 9.72 -20.87 -28.14
CA LYS A 468 10.82 -20.24 -28.88
C LYS A 468 12.06 -21.14 -28.75
N ILE A 469 12.51 -21.67 -29.90
CA ILE A 469 13.51 -22.73 -29.92
C ILE A 469 14.81 -22.30 -29.23
N ASP A 470 15.24 -21.10 -29.58
CA ASP A 470 16.53 -20.56 -29.16
C ASP A 470 16.62 -20.34 -27.65
N THR A 471 15.49 -20.33 -26.97
CA THR A 471 15.51 -20.12 -25.53
C THR A 471 15.52 -21.44 -24.78
N VAL A 472 15.21 -22.50 -25.50
CA VAL A 472 15.29 -23.83 -24.92
C VAL A 472 16.77 -24.15 -24.68
N GLN A 473 17.61 -23.71 -25.63
CA GLN A 473 19.06 -23.81 -25.49
C GLN A 473 19.55 -22.99 -24.28
N LEU A 474 19.05 -21.75 -24.16
CA LEU A 474 19.31 -20.91 -22.98
C LEU A 474 18.86 -21.60 -21.72
N PHE A 475 17.56 -21.92 -21.66
CA PHE A 475 17.00 -22.54 -20.48
C PHE A 475 17.98 -23.62 -20.02
N TRP A 476 18.41 -24.45 -20.96
CA TRP A 476 19.24 -25.59 -20.60
C TRP A 476 20.65 -25.15 -20.17
N ASP A 477 21.09 -24.00 -20.67
CA ASP A 477 22.43 -23.50 -20.36
C ASP A 477 22.57 -23.04 -18.93
N GLN A 478 21.55 -22.37 -18.40
CA GLN A 478 21.55 -22.07 -16.98
C GLN A 478 21.13 -23.26 -16.15
N MET A 479 20.27 -24.10 -16.70
CA MET A 479 19.90 -25.29 -15.99
C MET A 479 21.18 -26.08 -15.69
N VAL A 480 22.14 -26.00 -16.61
CA VAL A 480 23.43 -26.63 -16.39
C VAL A 480 24.32 -25.79 -15.51
N ALA A 481 24.49 -24.53 -15.90
CA ALA A 481 25.36 -23.58 -15.21
C ALA A 481 25.15 -23.72 -13.73
N LEU A 482 23.92 -23.57 -13.26
CA LEU A 482 23.73 -23.64 -11.82
C LEU A 482 23.92 -25.03 -11.22
N LEU A 483 23.34 -26.06 -11.83
CA LEU A 483 23.49 -27.42 -11.29
C LEU A 483 24.92 -27.71 -10.80
N GLU A 484 25.90 -27.05 -11.40
CA GLU A 484 27.31 -27.23 -11.07
C GLU A 484 27.79 -26.13 -10.15
N ALA A 485 27.14 -24.97 -10.24
CA ALA A 485 27.41 -23.81 -9.38
C ALA A 485 26.99 -24.05 -7.92
N ILE A 486 26.21 -25.10 -7.67
CA ILE A 486 25.62 -25.39 -6.36
C ILE A 486 26.67 -25.72 -5.28
N PRO A 487 26.78 -24.85 -4.23
CA PRO A 487 27.62 -25.03 -3.04
C PRO A 487 27.38 -26.30 -2.23
N GLU A 488 28.36 -26.71 -1.43
CA GLU A 488 28.27 -27.96 -0.68
C GLU A 488 27.82 -27.77 0.77
N LYS A 489 27.13 -28.79 1.29
CA LYS A 489 26.66 -28.79 2.67
C LYS A 489 27.30 -29.96 3.40
N ALA A 490 28.21 -29.66 4.33
CA ALA A 490 28.94 -30.70 5.06
C ALA A 490 28.19 -31.25 6.29
N MET B 1 32.24 33.85 18.68
CA MET B 1 33.49 33.49 19.32
C MET B 1 34.68 34.20 18.66
N SER B 2 34.98 33.83 17.42
CA SER B 2 36.08 34.43 16.70
C SER B 2 35.58 35.23 15.50
N GLU B 3 34.27 35.44 15.44
CA GLU B 3 33.66 36.19 14.35
C GLU B 3 32.92 37.03 15.39
N PHE B 4 33.65 37.92 16.03
CA PHE B 4 33.08 38.77 17.08
C PHE B 4 32.62 40.08 16.43
N HIS B 5 33.34 40.48 15.38
CA HIS B 5 33.05 41.74 14.71
C HIS B 5 32.25 41.61 13.40
N SER B 6 31.71 40.43 13.13
CA SER B 6 31.04 40.14 11.88
C SER B 6 29.54 40.46 11.89
N GLU B 7 29.15 41.52 11.18
CA GLU B 7 27.78 42.03 11.20
C GLU B 7 26.83 41.13 10.44
N ILE B 8 25.82 40.65 11.16
CA ILE B 8 24.70 39.98 10.51
C ILE B 8 24.29 40.77 9.27
N SER B 9 24.20 42.09 9.39
CA SER B 9 23.68 42.94 8.32
C SER B 9 24.52 43.07 7.03
N THR B 10 25.68 42.41 7.02
CA THR B 10 26.58 42.48 5.87
C THR B 10 26.80 41.12 5.19
N LEU B 11 26.06 40.10 5.61
CA LEU B 11 26.03 38.84 4.89
C LEU B 11 25.34 39.01 3.54
N SER B 12 25.58 38.11 2.59
CA SER B 12 24.90 38.22 1.29
C SER B 12 23.76 37.23 1.11
N PRO B 13 22.68 37.65 0.45
CA PRO B 13 22.43 38.96 -0.12
C PRO B 13 22.12 39.95 0.99
N ALA B 14 22.77 41.10 0.94
CA ALA B 14 22.67 42.02 2.07
C ALA B 14 21.23 42.49 2.30
N PRO B 15 20.50 42.87 1.23
CA PRO B 15 19.14 43.38 1.43
C PRO B 15 18.26 42.48 2.32
N LEU B 16 18.41 41.17 2.18
CA LEU B 16 17.61 40.18 2.91
C LEU B 16 17.98 40.15 4.38
N TRP B 17 19.24 39.81 4.65
CA TRP B 17 19.77 39.74 6.00
C TRP B 17 19.66 41.05 6.73
N GLN B 18 19.68 42.14 5.98
CA GLN B 18 19.37 43.47 6.46
C GLN B 18 17.96 43.47 7.05
N PHE B 19 16.96 43.09 6.24
CA PHE B 19 15.59 42.94 6.73
C PHE B 19 15.49 41.93 7.87
N PHE B 20 16.27 40.85 7.78
CA PHE B 20 16.31 39.90 8.88
C PHE B 20 16.85 40.54 10.17
N ASP B 21 17.87 41.39 10.08
CA ASP B 21 18.44 42.05 11.27
C ASP B 21 17.36 42.91 11.95
N LYS B 22 16.48 43.51 11.14
CA LYS B 22 15.37 44.32 11.68
C LYS B 22 14.27 43.45 12.28
N ILE B 23 13.72 42.53 11.49
CA ILE B 23 12.79 41.51 12.00
C ILE B 23 13.21 40.88 13.35
N CYS B 24 14.51 40.81 13.61
CA CYS B 24 14.98 40.21 14.85
C CYS B 24 14.90 41.16 16.00
N SER B 25 14.73 42.43 15.66
CA SER B 25 14.73 43.52 16.65
C SER B 25 13.32 43.80 17.13
N ILE B 26 12.33 43.31 16.38
CA ILE B 26 10.95 43.45 16.80
C ILE B 26 10.44 42.12 17.33
N PRO B 27 10.09 42.05 18.63
CA PRO B 27 9.52 40.81 19.19
C PRO B 27 8.16 40.28 18.75
N HIS B 28 8.17 39.17 18.01
CA HIS B 28 6.97 38.74 17.30
C HIS B 28 6.67 37.22 17.41
N PRO B 29 6.35 36.71 18.63
CA PRO B 29 6.06 35.28 18.71
C PRO B 29 4.58 35.15 18.45
N SER B 30 4.13 33.93 18.15
CA SER B 30 2.73 33.68 17.74
C SER B 30 1.85 34.46 18.68
N LYS B 31 0.85 35.13 18.11
CA LYS B 31 -0.18 35.95 18.83
C LYS B 31 0.18 37.41 19.16
N HIS B 32 1.42 37.81 18.87
CA HIS B 32 1.93 39.14 19.18
C HIS B 32 2.69 39.59 17.97
N GLU B 33 1.99 39.74 16.85
CA GLU B 33 2.69 40.07 15.64
C GLU B 33 2.24 41.44 15.14
N GLU B 34 1.76 42.27 16.06
CA GLU B 34 1.30 43.61 15.69
C GLU B 34 2.42 44.58 15.35
N ALA B 35 3.38 44.67 16.26
CA ALA B 35 4.52 45.56 16.08
C ALA B 35 4.97 45.40 14.66
N LEU B 36 5.30 44.16 14.30
CA LEU B 36 5.86 43.79 13.00
C LEU B 36 4.91 43.97 11.81
N ALA B 37 3.65 43.61 12.01
CA ALA B 37 2.67 43.85 10.98
C ALA B 37 2.66 45.33 10.64
N GLN B 38 2.56 46.16 11.68
CA GLN B 38 2.59 47.61 11.57
C GLN B 38 3.83 48.03 10.82
N TYR B 39 4.98 47.79 11.45
CA TYR B 39 6.23 48.17 10.88
C TYR B 39 6.22 47.88 9.39
N ILE B 40 5.80 46.68 8.99
CA ILE B 40 5.87 46.28 7.59
C ILE B 40 4.89 47.07 6.75
N VAL B 41 3.61 47.03 7.13
CA VAL B 41 2.61 47.82 6.42
C VAL B 41 3.13 49.24 6.30
N THR B 42 3.40 49.87 7.44
CA THR B 42 3.95 51.20 7.50
C THR B 42 5.21 51.33 6.61
N TRP B 43 6.12 50.37 6.68
CA TRP B 43 7.30 50.36 5.82
C TRP B 43 6.93 50.42 4.37
N ALA B 44 5.95 49.61 3.98
CA ALA B 44 5.57 49.44 2.57
C ALA B 44 4.68 50.57 2.08
N THR B 45 4.02 51.28 3.00
CA THR B 45 3.21 52.43 2.60
C THR B 45 4.05 53.70 2.57
N GLU B 46 5.34 53.58 2.94
CA GLU B 46 6.36 54.63 2.76
C GLU B 46 6.99 54.45 1.41
N GLN B 47 6.92 53.22 0.91
CA GLN B 47 7.41 52.88 -0.42
C GLN B 47 6.29 53.04 -1.43
N GLY B 48 5.12 53.48 -0.97
CA GLY B 48 3.94 53.67 -1.83
C GLY B 48 3.35 52.44 -2.49
N PHE B 49 3.22 51.37 -1.73
CA PHE B 49 2.64 50.13 -2.26
C PHE B 49 1.15 49.95 -1.92
N ASP B 50 0.37 49.40 -2.82
CA ASP B 50 -1.00 49.13 -2.45
C ASP B 50 -0.88 48.10 -1.35
N VAL B 51 -1.32 48.48 -0.15
CA VAL B 51 -1.17 47.65 1.05
C VAL B 51 -2.47 47.66 1.86
N ARG B 52 -3.00 46.48 2.20
CA ARG B 52 -4.13 46.40 3.13
C ARG B 52 -4.02 45.17 3.97
N ARG B 53 -4.84 45.12 5.02
CA ARG B 53 -4.97 43.94 5.82
C ARG B 53 -6.40 43.48 5.76
N ASP B 54 -6.58 42.16 5.78
CA ASP B 54 -7.91 41.57 5.92
C ASP B 54 -8.40 41.67 7.37
N PRO B 55 -9.69 41.31 7.62
CA PRO B 55 -10.19 41.25 9.01
C PRO B 55 -9.37 40.34 9.95
N THR B 56 -8.74 39.28 9.44
CA THR B 56 -8.04 38.33 10.33
C THR B 56 -6.69 38.81 10.91
N GLY B 57 -6.02 39.72 10.20
CA GLY B 57 -4.70 40.22 10.60
C GLY B 57 -3.63 40.16 9.52
N ASN B 58 -3.91 39.41 8.45
CA ASN B 58 -2.97 39.14 7.36
C ASN B 58 -2.69 40.35 6.45
N VAL B 59 -1.42 40.46 6.03
CA VAL B 59 -0.88 41.60 5.29
C VAL B 59 -0.76 41.30 3.80
N PHE B 60 -1.17 42.23 2.95
CA PHE B 60 -1.10 42.02 1.50
C PHE B 60 -0.41 43.20 0.82
N ILE B 61 0.65 42.92 0.08
CA ILE B 61 1.46 43.97 -0.48
C ILE B 61 1.63 43.81 -1.99
N LYS B 62 1.03 44.73 -2.72
CA LYS B 62 0.98 44.64 -4.18
C LYS B 62 2.17 45.36 -4.79
N LYS B 63 2.66 44.83 -5.90
CA LYS B 63 3.76 45.47 -6.61
C LYS B 63 3.65 45.12 -8.08
N PRO B 64 3.42 46.14 -8.92
CA PRO B 64 3.30 45.96 -10.37
C PRO B 64 4.57 45.38 -10.95
N ALA B 65 4.41 44.67 -12.07
CA ALA B 65 5.52 44.04 -12.80
C ALA B 65 6.61 45.05 -13.18
N THR B 66 7.86 44.60 -13.19
CA THR B 66 8.98 45.47 -13.54
C THR B 66 8.80 45.72 -15.03
N PRO B 67 9.37 46.84 -15.50
CA PRO B 67 9.28 47.20 -16.92
C PRO B 67 9.58 45.96 -17.75
N GLY B 68 8.77 45.71 -18.76
CA GLY B 68 8.95 44.55 -19.62
C GLY B 68 7.98 43.38 -19.48
N MET B 69 8.31 42.47 -18.57
CA MET B 69 7.44 41.28 -18.33
C MET B 69 6.21 41.69 -17.54
N GLU B 70 5.11 41.91 -18.25
CA GLU B 70 3.85 42.31 -17.62
C GLU B 70 2.79 41.23 -17.52
N ASN B 71 2.57 40.51 -18.61
CA ASN B 71 1.61 39.41 -18.63
C ASN B 71 2.09 38.27 -17.76
N LYS B 72 3.30 38.42 -17.22
CA LYS B 72 3.87 37.42 -16.33
C LYS B 72 2.71 37.07 -15.41
N LYS B 73 2.37 35.79 -15.37
CA LYS B 73 1.22 35.35 -14.59
C LYS B 73 1.64 35.86 -13.22
N GLY B 74 0.78 36.65 -12.60
CA GLY B 74 1.14 37.32 -11.33
C GLY B 74 1.26 36.25 -10.26
N VAL B 75 2.40 36.22 -9.58
CA VAL B 75 2.58 35.26 -8.48
C VAL B 75 2.19 35.86 -7.16
N VAL B 76 2.37 35.04 -6.13
CA VAL B 76 2.17 35.42 -4.74
C VAL B 76 3.27 34.78 -3.92
N LEU B 77 4.13 35.61 -3.34
CA LEU B 77 5.15 35.13 -2.41
C LEU B 77 4.52 35.17 -1.05
N GLN B 78 4.74 34.13 -0.26
CA GLN B 78 4.18 34.13 1.07
C GLN B 78 5.06 33.48 2.10
N ALA B 79 4.99 34.07 3.28
CA ALA B 79 5.71 33.63 4.45
C ALA B 79 4.83 33.96 5.66
N HIS B 80 5.25 33.54 6.85
CA HIS B 80 4.42 33.70 8.03
C HIS B 80 5.18 34.47 9.09
N ILE B 81 4.49 35.46 9.68
CA ILE B 81 5.07 36.51 10.53
C ILE B 81 5.48 36.04 11.93
N ASP B 82 4.69 35.18 12.53
CA ASP B 82 4.94 34.83 13.92
C ASP B 82 6.13 33.91 14.05
N MET B 83 6.72 33.88 15.24
CA MET B 83 7.90 33.08 15.53
C MET B 83 7.61 32.22 16.76
N VAL B 84 8.51 31.33 17.17
CA VAL B 84 8.25 30.50 18.34
C VAL B 84 9.13 30.75 19.54
N PRO B 85 8.50 31.03 20.71
CA PRO B 85 9.18 31.31 21.96
C PRO B 85 9.75 30.08 22.60
N GLN B 86 11.06 29.94 22.60
CA GLN B 86 11.73 28.92 23.39
C GLN B 86 13.10 29.41 23.78
N LYS B 87 13.42 29.23 25.05
CA LYS B 87 14.70 29.69 25.61
C LYS B 87 15.26 28.63 26.57
N ASN B 88 16.54 28.76 26.91
CA ASN B 88 17.15 27.90 27.92
C ASN B 88 16.58 28.22 29.29
N GLU B 89 16.51 27.19 30.13
CA GLU B 89 16.11 27.33 31.52
C GLU B 89 16.76 28.60 32.11
N ASP B 90 18.07 28.66 31.92
CA ASP B 90 18.91 29.72 32.38
C ASP B 90 19.05 30.86 31.41
N THR B 91 18.02 31.67 31.23
CA THR B 91 18.14 32.81 30.34
C THR B 91 17.03 33.83 30.53
N ASP B 92 17.40 35.11 30.53
CA ASP B 92 16.42 36.17 30.71
C ASP B 92 15.88 36.70 29.38
N HIS B 93 14.71 36.22 28.98
CA HIS B 93 14.08 36.64 27.73
C HIS B 93 12.56 36.70 27.73
N ASP B 94 12.03 37.91 27.64
CA ASP B 94 10.60 38.09 27.54
C ASP B 94 10.23 38.19 26.09
N PHE B 95 9.73 37.10 25.54
CA PHE B 95 9.47 37.00 24.12
C PHE B 95 8.53 38.09 23.57
N THR B 96 7.87 38.81 24.46
CA THR B 96 6.92 39.81 24.04
C THR B 96 7.63 41.16 24.02
N GLN B 97 8.73 41.27 24.78
CA GLN B 97 9.43 42.54 24.95
C GLN B 97 10.87 42.62 24.44
N ASP B 98 11.55 41.48 24.40
CA ASP B 98 12.96 41.46 24.02
C ASP B 98 13.22 41.01 22.57
N PRO B 99 14.24 41.64 21.94
CA PRO B 99 14.76 41.33 20.61
C PRO B 99 15.46 39.97 20.52
N ILE B 100 15.38 39.34 19.35
CA ILE B 100 16.19 38.16 19.05
C ILE B 100 17.62 38.57 18.73
N GLN B 101 18.59 37.99 19.44
CA GLN B 101 19.97 38.38 19.21
C GLN B 101 20.79 37.45 18.30
N PRO B 102 20.59 37.54 16.97
CA PRO B 102 21.26 36.57 16.11
C PRO B 102 22.73 36.89 16.12
N TYR B 103 23.58 35.88 16.11
CA TYR B 103 24.99 36.11 15.99
C TYR B 103 25.57 35.05 15.07
N ILE B 104 26.79 35.29 14.59
CA ILE B 104 27.42 34.43 13.57
C ILE B 104 28.50 33.48 14.12
N ASP B 105 28.28 32.18 13.90
CA ASP B 105 29.18 31.15 14.40
C ASP B 105 29.44 30.11 13.29
N GLY B 106 30.61 30.20 12.64
CA GLY B 106 30.99 29.25 11.57
C GLY B 106 30.12 29.42 10.33
N GLU B 107 29.53 28.33 9.85
CA GLU B 107 28.64 28.37 8.68
C GLU B 107 27.19 28.81 8.96
N TRP B 108 26.90 29.15 10.22
CA TRP B 108 25.52 29.34 10.71
C TRP B 108 25.28 30.69 11.40
N VAL B 109 24.01 31.07 11.52
CA VAL B 109 23.62 32.24 12.30
C VAL B 109 22.67 31.79 13.38
N THR B 110 23.07 31.83 14.64
CA THR B 110 22.15 31.41 15.72
C THR B 110 21.81 32.57 16.66
N ALA B 111 20.87 32.34 17.58
CA ALA B 111 20.53 33.30 18.62
C ALA B 111 21.23 32.97 19.94
N LYS B 112 21.79 33.99 20.58
CA LYS B 112 22.42 33.81 21.89
C LYS B 112 21.28 33.56 22.84
N GLY B 113 21.20 32.32 23.35
CA GLY B 113 20.16 31.93 24.31
C GLY B 113 18.82 31.35 23.82
N THR B 114 18.28 31.85 22.71
CA THR B 114 16.89 31.50 22.36
C THR B 114 16.65 30.99 20.93
N THR B 115 15.38 30.67 20.64
CA THR B 115 14.92 30.43 19.28
C THR B 115 15.29 31.65 18.49
N LEU B 116 15.49 31.49 17.18
CA LEU B 116 16.01 32.55 16.34
C LEU B 116 14.96 33.14 15.42
N GLY B 117 13.97 32.35 15.03
CA GLY B 117 12.91 32.82 14.17
C GLY B 117 13.32 32.80 12.70
N ALA B 118 14.41 32.10 12.40
CA ALA B 118 14.90 32.01 11.04
C ALA B 118 13.80 31.52 10.11
N ASP B 119 12.70 31.05 10.70
CA ASP B 119 11.57 30.55 9.92
C ASP B 119 10.32 31.39 10.18
N ASN B 120 9.97 32.24 9.22
CA ASN B 120 10.74 32.36 8.00
C ASN B 120 11.32 33.77 8.04
N GLY B 121 11.86 34.13 9.21
CA GLY B 121 12.39 35.46 9.44
C GLY B 121 13.13 35.81 8.17
N ILE B 122 13.70 34.78 7.57
CA ILE B 122 14.36 34.91 6.28
C ILE B 122 13.36 34.73 5.13
N GLY B 123 12.53 33.70 5.24
CA GLY B 123 11.46 33.49 4.29
C GLY B 123 10.73 34.78 4.00
N MET B 124 10.41 35.53 5.04
CA MET B 124 9.77 36.83 4.87
C MET B 124 10.70 37.98 4.60
N ALA B 125 11.92 37.94 5.15
CA ALA B 125 12.96 38.90 4.82
C ALA B 125 13.14 38.87 3.32
N SER B 126 13.18 37.65 2.83
CA SER B 126 13.24 37.36 1.43
C SER B 126 12.11 38.03 0.66
N CYS B 127 10.90 37.95 1.17
CA CYS B 127 9.76 38.56 0.50
C CYS B 127 9.96 40.04 0.47
N LEU B 128 10.31 40.60 1.61
CA LEU B 128 10.57 42.01 1.70
C LEU B 128 11.73 42.41 0.81
N ALA B 129 12.75 41.56 0.71
CA ALA B 129 13.87 41.85 -0.19
C ALA B 129 13.39 42.12 -1.61
N VAL B 130 12.67 41.18 -2.20
CA VAL B 130 12.03 41.34 -3.52
C VAL B 130 11.18 42.60 -3.62
N LEU B 131 10.37 42.86 -2.61
CA LEU B 131 9.54 44.04 -2.66
C LEU B 131 10.41 45.27 -2.89
N ALA B 132 11.50 45.37 -2.12
CA ALA B 132 12.44 46.44 -2.28
C ALA B 132 13.63 45.98 -3.13
N SER B 133 13.42 45.81 -4.43
CA SER B 133 14.51 45.41 -5.32
C SER B 133 14.13 46.09 -6.61
N LYS B 134 15.05 46.90 -7.14
CA LYS B 134 14.83 47.60 -8.39
C LYS B 134 15.63 46.87 -9.48
N GLU B 135 16.34 45.81 -9.08
CA GLU B 135 17.23 45.09 -9.99
C GLU B 135 16.60 43.82 -10.51
N ILE B 136 15.60 43.30 -9.81
CA ILE B 136 14.99 42.05 -10.23
C ILE B 136 13.80 42.37 -11.07
N LYS B 137 13.74 41.73 -12.22
CA LYS B 137 12.58 41.80 -13.11
C LYS B 137 11.59 40.82 -12.54
N HIS B 138 10.30 41.13 -12.66
CA HIS B 138 9.24 40.22 -12.19
C HIS B 138 7.93 40.55 -12.84
N GLY B 139 7.00 39.59 -12.82
CA GLY B 139 5.59 39.86 -13.18
C GLY B 139 5.00 40.60 -11.98
N PRO B 140 3.69 40.86 -11.99
CA PRO B 140 3.13 41.44 -10.77
C PRO B 140 3.32 40.52 -9.56
N ILE B 141 3.33 41.12 -8.38
CA ILE B 141 3.67 40.40 -7.16
C ILE B 141 2.77 40.78 -5.98
N GLU B 142 2.27 39.76 -5.31
CA GLU B 142 1.52 39.92 -4.08
C GLU B 142 2.33 39.18 -3.06
N VAL B 143 2.75 39.88 -2.03
CA VAL B 143 3.39 39.22 -0.93
C VAL B 143 2.28 38.95 0.06
N LEU B 144 2.17 37.71 0.53
CA LEU B 144 1.26 37.43 1.60
C LEU B 144 1.99 37.00 2.84
N LEU B 145 1.69 37.68 3.93
CA LEU B 145 2.27 37.36 5.21
C LEU B 145 1.10 37.01 6.09
N THR B 146 1.17 35.82 6.71
CA THR B 146 0.06 35.21 7.44
C THR B 146 0.39 35.13 8.89
N ILE B 147 -0.66 35.13 9.71
CA ILE B 147 -0.57 35.47 11.13
C ILE B 147 -0.14 34.36 12.07
N ASP B 148 -0.69 33.16 11.91
CA ASP B 148 -0.25 32.08 12.80
C ASP B 148 0.16 30.82 12.07
N GLU B 149 1.37 30.35 12.36
CA GLU B 149 1.85 29.08 11.86
C GLU B 149 2.20 28.21 13.05
N GLU B 150 2.26 28.79 14.25
CA GLU B 150 2.51 27.94 15.40
C GLU B 150 1.26 27.56 16.22
N ALA B 151 0.45 28.55 16.58
CA ALA B 151 -0.75 28.27 17.35
C ALA B 151 -2.01 28.14 16.48
N GLY B 152 -2.24 26.97 15.91
CA GLY B 152 -3.53 26.69 15.25
C GLY B 152 -3.82 27.37 13.92
N MET B 153 -2.83 28.08 13.40
CA MET B 153 -2.83 28.59 12.03
C MET B 153 -4.01 29.48 11.65
N THR B 154 -4.43 30.31 12.58
CA THR B 154 -5.54 31.23 12.35
C THR B 154 -5.35 31.96 11.02
N GLY B 155 -4.10 32.14 10.64
CA GLY B 155 -3.77 32.82 9.39
C GLY B 155 -4.24 32.11 8.13
N ALA B 156 -3.67 30.94 7.87
CA ALA B 156 -4.05 30.16 6.70
C ALA B 156 -5.54 29.86 6.79
N PHE B 157 -6.02 29.65 8.01
CA PHE B 157 -7.43 29.37 8.25
C PHE B 157 -8.26 30.61 7.95
N GLY B 158 -7.86 31.73 8.58
CA GLY B 158 -8.39 33.03 8.27
C GLY B 158 -8.13 33.38 6.81
N LEU B 159 -9.17 33.90 6.16
CA LEU B 159 -9.08 34.46 4.80
C LEU B 159 -10.29 34.09 3.95
N GLU B 160 -10.17 34.35 2.65
CA GLU B 160 -11.24 34.09 1.70
C GLU B 160 -10.72 34.39 0.30
N ALA B 161 -11.49 34.02 -0.71
CA ALA B 161 -11.08 34.24 -2.08
C ALA B 161 -11.39 35.70 -2.31
N GLY B 162 -10.79 36.26 -3.39
CA GLY B 162 -10.96 37.68 -3.70
C GLY B 162 -10.04 38.71 -3.07
N TRP B 163 -9.06 38.22 -2.31
CA TRP B 163 -7.97 39.08 -1.79
C TRP B 163 -6.76 38.95 -2.71
N LEU B 164 -6.46 37.73 -3.15
CA LEU B 164 -5.40 37.51 -4.10
C LEU B 164 -5.95 37.50 -5.50
N LYS B 165 -5.06 37.76 -6.45
CA LYS B 165 -5.36 37.68 -7.87
C LYS B 165 -4.35 36.78 -8.57
N GLY B 166 -3.39 36.27 -7.79
CA GLY B 166 -2.37 35.39 -8.33
C GLY B 166 -2.84 33.95 -8.55
N ASP B 167 -2.23 33.29 -9.55
CA ASP B 167 -2.44 31.87 -9.78
C ASP B 167 -1.30 31.03 -9.17
N ILE B 168 -0.19 31.69 -8.87
CA ILE B 168 0.96 30.98 -8.34
C ILE B 168 1.31 31.40 -6.92
N LEU B 169 1.80 30.45 -6.12
CA LEU B 169 2.16 30.79 -4.77
C LEU B 169 3.50 30.21 -4.40
N LEU B 170 4.43 31.08 -3.99
CA LEU B 170 5.71 30.61 -3.52
C LEU B 170 5.80 30.69 -2.01
N ASN B 171 5.86 29.52 -1.38
CA ASN B 171 5.98 29.45 0.05
C ASN B 171 7.43 29.21 0.46
N THR B 172 7.85 29.95 1.48
CA THR B 172 9.24 29.98 1.90
C THR B 172 9.44 29.28 3.24
N ASP B 173 8.43 28.51 3.63
CA ASP B 173 8.32 28.00 4.99
C ASP B 173 9.07 26.71 5.20
N SER B 174 9.33 25.97 4.14
CA SER B 174 10.05 24.69 4.26
C SER B 174 11.48 24.96 4.68
N GLU B 175 12.17 23.95 5.20
CA GLU B 175 13.48 24.21 5.79
C GLU B 175 14.65 23.39 5.23
N GLN B 176 14.62 23.05 3.95
CA GLN B 176 15.79 22.48 3.28
C GLN B 176 16.07 23.00 1.85
N GLU B 177 17.25 23.59 1.66
CA GLU B 177 17.76 23.87 0.32
C GLU B 177 17.86 22.55 -0.43
N GLY B 178 17.19 22.47 -1.56
CA GLY B 178 17.29 21.27 -2.40
C GLY B 178 16.12 20.29 -2.28
N GLU B 179 15.06 20.71 -1.58
CA GLU B 179 13.82 19.92 -1.49
C GLU B 179 12.56 20.75 -1.41
N VAL B 180 11.70 20.53 -2.39
CA VAL B 180 10.47 21.27 -2.49
C VAL B 180 9.26 20.37 -2.20
N TYR B 181 8.17 20.99 -1.81
CA TYR B 181 6.96 20.30 -1.51
C TYR B 181 5.94 20.64 -2.58
N MET B 182 5.28 19.62 -3.13
CA MET B 182 4.26 19.86 -4.15
C MET B 182 2.86 19.67 -3.60
N GLY B 183 2.78 19.09 -2.41
CA GLY B 183 1.52 18.79 -1.75
C GLY B 183 1.79 18.31 -0.33
N CYS B 184 0.70 18.13 0.42
CA CYS B 184 0.81 17.53 1.76
C CYS B 184 -0.53 16.90 2.17
N ALA B 185 -0.53 16.23 3.33
CA ALA B 185 -1.73 15.59 3.88
C ALA B 185 -2.56 16.49 4.75
N GLY B 186 -3.86 16.48 4.50
CA GLY B 186 -4.84 17.01 5.45
C GLY B 186 -4.99 15.98 6.54
N GLY B 187 -5.96 16.20 7.43
CA GLY B 187 -6.18 15.27 8.50
C GLY B 187 -7.46 15.56 9.26
N ILE B 188 -7.84 14.62 10.12
CA ILE B 188 -9.02 14.76 10.96
C ILE B 188 -8.91 13.78 12.13
N ASP B 189 -9.26 14.23 13.33
CA ASP B 189 -9.23 13.38 14.50
C ASP B 189 -10.53 12.64 14.59
N GLY B 190 -10.40 11.35 14.91
CA GLY B 190 -11.52 10.48 15.21
C GLY B 190 -11.45 10.01 16.64
N ALA B 191 -12.62 9.70 17.19
CA ALA B 191 -12.80 9.19 18.54
C ALA B 191 -14.00 8.23 18.55
N MET B 192 -13.72 6.93 18.59
CA MET B 192 -14.76 5.94 18.67
C MET B 192 -14.90 5.52 20.14
N THR B 193 -16.13 5.62 20.66
CA THR B 193 -16.34 5.44 22.08
C THR B 193 -17.44 4.41 22.32
N PHE B 194 -17.22 3.62 23.38
CA PHE B 194 -18.05 2.44 23.71
C PHE B 194 -18.60 2.53 25.12
N ASP B 195 -19.84 2.07 25.31
CA ASP B 195 -20.44 2.07 26.64
C ASP B 195 -20.41 0.66 27.18
N ILE B 196 -19.73 0.48 28.33
CA ILE B 196 -19.59 -0.85 28.92
C ILE B 196 -20.22 -0.99 30.29
N THR B 197 -21.03 -2.04 30.42
CA THR B 197 -21.52 -2.54 31.70
C THR B 197 -20.51 -3.58 32.21
N ARG B 198 -20.18 -3.53 33.48
CA ARG B 198 -19.23 -4.49 34.03
C ARG B 198 -19.83 -5.49 35.02
N ASP B 199 -19.52 -6.77 34.81
CA ASP B 199 -19.89 -7.82 35.74
C ASP B 199 -18.67 -8.31 36.47
N ALA B 200 -18.86 -9.18 37.46
CA ALA B 200 -17.72 -9.59 38.30
C ALA B 200 -17.07 -10.90 37.86
N ILE B 201 -15.83 -11.02 38.31
CA ILE B 201 -14.90 -12.09 38.00
C ILE B 201 -15.35 -13.49 38.50
N PRO B 202 -15.55 -14.44 37.57
CA PRO B 202 -16.07 -15.75 38.02
C PRO B 202 -15.01 -16.60 38.77
N ALA B 203 -15.49 -17.70 39.38
CA ALA B 203 -14.69 -18.67 40.15
C ALA B 203 -13.37 -19.13 39.52
N GLY B 204 -12.31 -19.11 40.33
CA GLY B 204 -10.98 -19.61 39.94
C GLY B 204 -10.40 -18.96 38.68
N PHE B 205 -10.63 -17.65 38.53
CA PHE B 205 -10.11 -16.88 37.38
C PHE B 205 -8.93 -16.00 37.79
N ILE B 206 -7.70 -16.48 37.58
CA ILE B 206 -6.52 -15.62 37.77
C ILE B 206 -6.67 -14.38 36.85
N THR B 207 -5.97 -13.30 37.15
CA THR B 207 -5.97 -12.19 36.21
C THR B 207 -4.54 -11.92 35.81
N ARG B 208 -4.36 -11.65 34.52
CA ARG B 208 -3.03 -11.47 33.98
C ARG B 208 -2.94 -10.27 33.06
N GLN B 209 -1.72 -9.83 32.81
CA GLN B 209 -1.44 -8.65 32.03
C GLN B 209 -0.54 -9.00 30.83
N LEU B 210 -1.18 -9.44 29.76
CA LEU B 210 -0.46 -9.75 28.55
C LEU B 210 0.00 -8.42 27.96
N THR B 211 1.29 -8.25 27.73
CA THR B 211 1.73 -6.99 27.14
C THR B 211 2.67 -7.07 25.93
N LEU B 212 2.46 -6.19 24.98
CA LEU B 212 3.34 -6.07 23.84
C LEU B 212 4.08 -4.73 23.98
N LYS B 213 5.35 -4.70 23.57
CA LYS B 213 6.19 -3.52 23.78
C LYS B 213 7.40 -3.57 22.87
N GLY B 214 8.08 -2.43 22.74
CA GLY B 214 9.36 -2.41 22.06
C GLY B 214 9.26 -2.22 20.56
N LEU B 215 8.03 -2.15 20.04
CA LEU B 215 7.80 -1.75 18.66
C LEU B 215 8.53 -0.45 18.35
N LYS B 216 9.01 -0.32 17.13
CA LYS B 216 9.84 0.80 16.72
C LYS B 216 9.19 2.16 17.01
N GLY B 217 7.86 2.19 17.05
CA GLY B 217 7.12 3.45 17.19
C GLY B 217 7.31 4.31 15.95
N GLY B 218 6.88 5.56 16.05
CA GLY B 218 7.00 6.49 14.92
C GLY B 218 5.91 7.54 14.82
N HIS B 219 6.05 8.36 13.79
CA HIS B 219 5.13 9.43 13.53
C HIS B 219 4.09 8.92 12.56
N SER B 220 2.82 8.97 12.96
CA SER B 220 1.70 8.47 12.17
C SER B 220 1.74 8.99 10.74
N GLY B 221 2.11 10.25 10.59
CA GLY B 221 2.21 10.84 9.25
C GLY B 221 3.24 10.35 8.24
N CYS B 222 4.52 10.57 8.57
CA CYS B 222 5.61 10.19 7.69
C CYS B 222 5.84 8.66 7.79
N ASP B 223 6.12 8.18 8.99
CA ASP B 223 6.53 6.81 9.20
C ASP B 223 5.44 5.77 8.88
N ILE B 224 4.30 6.25 8.40
CA ILE B 224 3.18 5.38 8.15
C ILE B 224 3.50 4.30 7.12
N HIS B 225 4.29 4.68 6.11
CA HIS B 225 4.60 3.82 4.95
C HIS B 225 5.54 2.66 5.28
N THR B 226 6.37 2.80 6.33
CA THR B 226 7.10 1.64 6.85
C THR B 226 6.12 0.52 7.21
N GLY B 227 6.62 -0.69 7.39
CA GLY B 227 5.73 -1.78 7.84
C GLY B 227 5.55 -1.86 9.34
N ARG B 228 5.86 -0.75 10.03
CA ARG B 228 5.92 -0.72 11.48
C ARG B 228 4.62 -1.18 12.14
N GLY B 229 4.75 -1.89 13.25
CA GLY B 229 3.60 -2.43 13.97
C GLY B 229 2.72 -1.39 14.61
N ASN B 230 1.49 -1.78 14.92
CA ASN B 230 0.63 -0.95 15.71
C ASN B 230 0.25 -1.82 16.90
N ALA B 231 0.79 -1.45 18.07
CA ALA B 231 0.62 -2.22 19.29
C ALA B 231 -0.84 -2.50 19.68
N ASN B 232 -1.71 -1.52 19.41
CA ASN B 232 -3.13 -1.61 19.70
C ASN B 232 -3.73 -2.73 18.93
N LYS B 233 -3.44 -2.75 17.64
CA LYS B 233 -4.08 -3.70 16.74
C LYS B 233 -3.52 -5.11 16.89
N LEU B 234 -2.20 -5.18 17.03
CA LEU B 234 -1.52 -6.43 17.17
C LEU B 234 -2.10 -7.21 18.35
N ILE B 235 -2.51 -6.50 19.39
CA ILE B 235 -3.19 -7.20 20.45
C ILE B 235 -4.64 -7.49 20.10
N GLY B 236 -5.38 -6.49 19.65
CA GLY B 236 -6.76 -6.73 19.24
C GLY B 236 -6.85 -8.01 18.43
N ARG B 237 -5.87 -8.21 17.54
CA ARG B 237 -5.83 -9.37 16.64
C ARG B 237 -5.78 -10.70 17.40
N PHE B 238 -5.11 -10.68 18.55
CA PHE B 238 -4.96 -11.86 19.37
C PHE B 238 -6.29 -12.25 20.03
N LEU B 239 -6.93 -11.26 20.63
CA LEU B 239 -8.21 -11.47 21.30
C LEU B 239 -9.30 -11.75 20.29
N ALA B 240 -9.04 -11.42 19.05
CA ALA B 240 -10.02 -11.61 18.02
C ALA B 240 -10.20 -13.10 17.75
N GLY B 241 -9.10 -13.82 17.53
CA GLY B 241 -9.18 -15.23 17.10
C GLY B 241 -9.52 -16.17 18.23
N HIS B 242 -9.00 -15.82 19.42
CA HIS B 242 -8.87 -16.71 20.59
C HIS B 242 -9.50 -16.30 21.92
N ALA B 243 -9.86 -15.03 22.09
CA ALA B 243 -10.55 -14.62 23.33
C ALA B 243 -11.66 -15.60 23.68
N GLN B 244 -12.54 -15.84 22.72
CA GLN B 244 -13.66 -16.70 23.00
C GLN B 244 -13.16 -18.11 23.26
N GLU B 245 -12.43 -18.67 22.30
CA GLU B 245 -11.97 -20.06 22.37
C GLU B 245 -11.15 -20.29 23.65
N LEU B 246 -10.70 -19.22 24.30
CA LEU B 246 -9.90 -19.30 25.53
C LEU B 246 -10.81 -19.10 26.79
N ASP B 247 -12.01 -18.54 26.56
CA ASP B 247 -12.96 -18.12 27.61
C ASP B 247 -12.50 -16.90 28.41
N LEU B 248 -11.32 -16.38 28.10
CA LEU B 248 -10.80 -15.25 28.82
C LEU B 248 -11.69 -14.01 28.74
N ARG B 249 -11.56 -13.13 29.72
CA ARG B 249 -12.44 -12.00 29.88
C ARG B 249 -11.70 -10.72 30.21
N LEU B 250 -12.21 -9.63 29.65
CA LEU B 250 -11.45 -8.41 29.50
C LEU B 250 -11.69 -7.50 30.68
N VAL B 251 -10.61 -7.06 31.32
CA VAL B 251 -10.77 -6.03 32.33
C VAL B 251 -10.25 -4.67 31.89
N GLU B 252 -9.04 -4.64 31.35
CA GLU B 252 -8.48 -3.39 30.93
C GLU B 252 -7.83 -3.54 29.57
N PHE B 253 -8.16 -2.63 28.66
CA PHE B 253 -7.41 -2.51 27.43
C PHE B 253 -6.88 -1.09 27.38
N ARG B 254 -5.61 -0.91 27.12
CA ARG B 254 -5.11 0.42 26.99
C ARG B 254 -3.81 0.42 26.23
N GLY B 255 -3.62 1.38 25.34
CA GLY B 255 -2.41 1.39 24.55
C GLY B 255 -2.07 2.70 23.90
N GLY B 256 -0.89 2.75 23.31
CA GLY B 256 -0.46 3.94 22.62
C GLY B 256 -0.44 5.17 23.49
N SER B 257 0.00 6.27 22.88
CA SER B 257 0.13 7.56 23.54
C SER B 257 -0.76 8.62 22.96
N LEU B 258 -0.34 9.21 21.84
CA LEU B 258 -1.15 10.25 21.19
C LEU B 258 -1.51 9.87 19.77
N ARG B 259 -2.53 10.51 19.23
CA ARG B 259 -2.91 10.32 17.83
C ARG B 259 -1.72 10.33 16.88
N ASN B 260 -0.83 11.31 17.06
CA ASN B 260 0.30 11.56 16.19
C ASN B 260 1.26 10.43 16.11
N ALA B 261 1.18 9.51 17.06
CA ALA B 261 2.21 8.46 17.25
C ALA B 261 1.70 7.07 16.95
N ILE B 262 2.42 6.36 16.10
CA ILE B 262 2.15 4.94 15.90
C ILE B 262 2.36 4.25 17.24
N PRO B 263 1.30 3.64 17.80
CA PRO B 263 1.38 3.19 19.19
C PRO B 263 2.39 2.06 19.35
N ARG B 264 3.51 2.37 20.00
CA ARG B 264 4.59 1.39 20.11
C ARG B 264 4.40 0.39 21.25
N GLU B 265 3.51 0.67 22.18
CA GLU B 265 3.31 -0.22 23.30
C GLU B 265 1.84 -0.28 23.68
N ALA B 266 1.40 -1.41 24.23
CA ALA B 266 0.00 -1.58 24.58
C ALA B 266 -0.16 -2.78 25.48
N PHE B 267 -1.19 -2.79 26.30
CA PHE B 267 -1.41 -3.94 27.16
C PHE B 267 -2.87 -4.17 27.49
N VAL B 268 -3.18 -5.40 27.87
CA VAL B 268 -4.53 -5.76 28.18
C VAL B 268 -4.57 -6.73 29.35
N THR B 269 -4.98 -6.22 30.51
CA THR B 269 -5.25 -7.10 31.63
C THR B 269 -6.54 -7.86 31.33
N VAL B 270 -6.51 -9.16 31.61
CA VAL B 270 -7.58 -10.05 31.27
C VAL B 270 -7.74 -11.01 32.43
N ALA B 271 -8.96 -11.50 32.62
CA ALA B 271 -9.26 -12.53 33.59
C ALA B 271 -9.54 -13.83 32.86
N LEU B 272 -8.66 -14.80 33.04
CA LEU B 272 -8.84 -16.15 32.49
C LEU B 272 -8.84 -17.23 33.59
N PRO B 273 -9.45 -18.42 33.34
CA PRO B 273 -9.44 -19.48 34.35
C PRO B 273 -8.00 -19.94 34.60
N ALA B 274 -7.59 -20.03 35.88
CA ALA B 274 -6.22 -20.44 36.25
C ALA B 274 -5.87 -21.73 35.49
N GLU B 275 -6.94 -22.45 35.17
CA GLU B 275 -6.98 -23.67 34.37
C GLU B 275 -6.49 -23.54 32.91
N ASN B 276 -6.78 -22.41 32.28
CA ASN B 276 -6.35 -22.15 30.91
C ASN B 276 -5.11 -21.28 30.90
N GLN B 277 -4.52 -21.07 32.09
CA GLN B 277 -3.37 -20.20 32.22
C GLN B 277 -2.18 -20.66 31.38
N ASP B 278 -1.98 -21.97 31.33
CA ASP B 278 -0.85 -22.60 30.64
C ASP B 278 -1.09 -22.54 29.14
N LYS B 279 -2.32 -22.90 28.74
CA LYS B 279 -2.72 -22.80 27.34
C LYS B 279 -2.59 -21.37 26.85
N LEU B 280 -3.14 -20.41 27.60
CA LEU B 280 -2.98 -19.02 27.26
C LEU B 280 -1.53 -18.58 27.14
N ALA B 281 -0.66 -19.04 28.04
CA ALA B 281 0.77 -18.69 27.96
C ALA B 281 1.38 -19.33 26.75
N GLU B 282 0.82 -20.49 26.41
CA GLU B 282 1.21 -21.25 25.22
C GLU B 282 0.91 -20.51 23.93
N LEU B 283 -0.34 -20.04 23.82
CA LEU B 283 -0.86 -19.33 22.66
C LEU B 283 -0.21 -17.96 22.51
N PHE B 284 0.11 -17.35 23.64
CA PHE B 284 0.54 -15.97 23.65
C PHE B 284 1.99 -15.90 23.22
N ASN B 285 2.73 -16.96 23.56
CA ASN B 285 4.12 -17.16 23.12
C ASN B 285 4.23 -17.53 21.67
N TYR B 286 3.42 -18.52 21.30
CA TYR B 286 3.25 -18.86 19.91
C TYR B 286 3.02 -17.58 19.13
N TYR B 287 1.94 -16.88 19.51
CA TYR B 287 1.58 -15.61 18.90
C TYR B 287 2.73 -14.62 18.88
N THR B 288 3.43 -14.46 19.99
CA THR B 288 4.53 -13.48 20.01
C THR B 288 5.63 -13.84 19.02
N GLU B 289 5.95 -15.13 18.96
CA GLU B 289 6.97 -15.59 18.03
C GLU B 289 6.54 -15.30 16.59
N LEU B 290 5.31 -15.68 16.26
CA LEU B 290 4.72 -15.41 14.95
C LEU B 290 4.94 -13.96 14.45
N LEU B 291 4.79 -13.00 15.35
CA LEU B 291 5.02 -11.59 15.03
C LEU B 291 6.44 -11.28 14.55
N LYS B 292 7.43 -11.85 15.24
CA LYS B 292 8.86 -11.68 14.90
C LYS B 292 9.16 -12.26 13.53
N THR B 293 8.54 -13.40 13.23
CA THR B 293 8.54 -13.99 11.89
C THR B 293 8.11 -12.98 10.83
N GLU B 294 6.99 -12.28 11.09
CA GLU B 294 6.48 -11.25 10.20
C GLU B 294 7.15 -9.89 10.27
N LEU B 295 7.16 -9.29 11.45
CA LEU B 295 7.65 -7.92 11.57
C LEU B 295 9.13 -7.85 11.97
N GLY B 296 9.70 -9.01 12.32
CA GLY B 296 11.08 -9.13 12.76
C GLY B 296 12.10 -8.44 11.87
N LYS B 297 11.80 -8.36 10.57
CA LYS B 297 12.67 -7.65 9.61
C LYS B 297 12.86 -6.18 10.00
N ILE B 298 11.75 -5.42 9.99
CA ILE B 298 11.71 -3.98 10.24
C ILE B 298 11.54 -3.65 11.75
N GLU B 299 10.78 -4.49 12.46
CA GLU B 299 10.58 -4.30 13.87
C GLU B 299 11.60 -5.12 14.60
N THR B 300 12.82 -4.60 14.64
CA THR B 300 13.99 -5.32 15.18
C THR B 300 13.74 -5.82 16.59
N ASP B 301 13.25 -4.93 17.46
CA ASP B 301 12.84 -5.33 18.80
C ASP B 301 11.33 -5.38 18.98
N ILE B 302 10.85 -6.48 19.56
CA ILE B 302 9.46 -6.72 19.88
C ILE B 302 9.52 -7.63 21.08
N VAL B 303 8.99 -7.16 22.21
CA VAL B 303 8.98 -7.98 23.41
C VAL B 303 7.55 -8.15 23.93
N THR B 304 7.29 -9.28 24.59
CA THR B 304 5.98 -9.53 25.20
C THR B 304 6.11 -10.04 26.65
N PHE B 305 5.07 -9.87 27.45
CA PHE B 305 5.04 -10.24 28.88
C PHE B 305 3.68 -10.78 29.26
N ASN B 306 3.66 -11.98 29.83
CA ASN B 306 2.45 -12.56 30.36
C ASN B 306 2.43 -12.43 31.89
N GLU B 307 2.95 -11.31 32.40
CA GLU B 307 3.03 -11.03 33.84
C GLU B 307 1.71 -11.32 34.60
N GLU B 308 1.84 -12.01 35.74
CA GLU B 308 0.74 -12.30 36.67
C GLU B 308 0.31 -11.04 37.42
N VAL B 309 -1.00 -10.85 37.61
CA VAL B 309 -1.42 -9.62 38.32
C VAL B 309 -2.62 -9.69 39.27
N ALA B 310 -2.63 -8.68 40.15
CA ALA B 310 -3.68 -8.41 41.15
C ALA B 310 -5.14 -8.39 40.68
N THR B 311 -5.98 -9.22 41.29
CA THR B 311 -7.39 -9.26 40.92
C THR B 311 -8.50 -8.34 41.43
N ASP B 312 -8.48 -7.09 41.01
CA ASP B 312 -9.44 -6.11 41.52
C ASP B 312 -10.72 -5.57 40.87
N ALA B 313 -10.64 -5.21 39.58
CA ALA B 313 -11.68 -4.44 38.90
C ALA B 313 -12.63 -5.46 38.27
N GLN B 314 -13.80 -5.00 37.85
CA GLN B 314 -14.79 -5.87 37.23
C GLN B 314 -14.38 -6.25 35.81
N VAL B 315 -15.18 -7.10 35.17
CA VAL B 315 -14.90 -7.53 33.82
C VAL B 315 -15.91 -6.96 32.82
N PHE B 316 -15.53 -6.88 31.54
CA PHE B 316 -16.46 -6.39 30.53
C PHE B 316 -17.73 -7.20 30.53
N ALA B 317 -18.86 -6.57 30.25
CA ALA B 317 -20.01 -7.37 29.83
C ALA B 317 -19.56 -8.22 28.64
N ILE B 318 -20.10 -9.41 28.51
CA ILE B 318 -19.79 -10.29 27.38
C ILE B 318 -19.98 -9.57 26.04
N ALA B 319 -21.20 -9.06 25.81
CA ALA B 319 -21.58 -8.36 24.58
C ALA B 319 -20.67 -7.16 24.32
N ASP B 320 -20.30 -6.45 25.37
CA ASP B 320 -19.38 -5.33 25.27
C ASP B 320 -18.01 -5.76 24.71
N GLN B 321 -17.52 -6.90 25.20
CA GLN B 321 -16.22 -7.42 24.82
C GLN B 321 -16.25 -7.77 23.36
N GLN B 322 -17.30 -8.46 22.96
CA GLN B 322 -17.44 -8.89 21.58
C GLN B 322 -17.38 -7.70 20.64
N ARG B 323 -18.37 -6.80 20.72
CA ARG B 323 -18.45 -5.65 19.80
C ARG B 323 -17.16 -4.82 19.78
N PHE B 324 -16.55 -4.65 20.95
CA PHE B 324 -15.33 -3.87 21.01
C PHE B 324 -14.20 -4.55 20.26
N ILE B 325 -13.82 -5.74 20.69
CA ILE B 325 -12.73 -6.45 20.03
C ILE B 325 -12.98 -6.61 18.52
N ALA B 326 -14.20 -7.00 18.13
CA ALA B 326 -14.57 -7.10 16.71
C ALA B 326 -14.32 -5.79 16.00
N ALA B 327 -14.85 -4.72 16.59
CA ALA B 327 -14.71 -3.38 16.04
C ALA B 327 -13.23 -3.07 15.90
N LEU B 328 -12.49 -3.24 16.99
CA LEU B 328 -11.09 -2.95 16.96
C LEU B 328 -10.41 -3.74 15.82
N ASN B 329 -10.78 -5.00 15.67
CA ASN B 329 -10.18 -5.86 14.66
C ASN B 329 -10.59 -5.56 13.23
N ALA B 330 -11.85 -5.19 13.01
CA ALA B 330 -12.31 -4.88 11.67
C ALA B 330 -11.83 -3.52 11.20
N CYS B 331 -11.50 -2.64 12.13
CA CYS B 331 -11.16 -1.27 11.77
C CYS B 331 -9.86 -1.16 10.95
N PRO B 332 -9.86 -0.32 9.90
CA PRO B 332 -8.65 -0.09 9.11
C PRO B 332 -7.55 0.80 9.71
N ASN B 333 -6.32 0.31 9.71
CA ASN B 333 -5.22 1.06 10.30
C ASN B 333 -3.96 1.38 9.50
N GLY B 334 -3.75 0.80 8.32
CA GLY B 334 -2.52 1.14 7.65
C GLY B 334 -2.95 2.07 6.56
N VAL B 335 -1.98 2.42 5.70
CA VAL B 335 -2.24 3.20 4.51
C VAL B 335 -3.38 2.58 3.72
N MET B 336 -4.35 3.39 3.37
CA MET B 336 -5.55 2.94 2.68
C MET B 336 -5.27 2.90 1.20
N ARG B 337 -4.39 3.79 0.76
CA ARG B 337 -4.16 3.91 -0.67
C ARG B 337 -2.90 4.71 -0.96
N MET B 338 -2.25 4.28 -2.03
CA MET B 338 -1.06 4.87 -2.58
C MET B 338 -1.55 5.84 -3.61
N SER B 339 -0.72 6.85 -3.90
CA SER B 339 -1.01 7.86 -4.94
C SER B 339 -0.56 7.37 -6.28
N ASP B 340 -1.30 7.76 -7.31
CA ASP B 340 -0.89 7.42 -8.65
C ASP B 340 -0.47 8.67 -9.45
N GLU B 341 -0.17 9.77 -8.74
CA GLU B 341 0.31 10.98 -9.39
C GLU B 341 1.79 11.21 -9.13
N VAL B 342 2.29 10.56 -8.09
CA VAL B 342 3.69 10.63 -7.70
C VAL B 342 4.15 9.23 -7.30
N GLU B 343 5.35 8.87 -7.77
CA GLU B 343 5.91 7.55 -7.52
C GLU B 343 6.02 7.25 -6.03
N GLY B 344 5.25 6.26 -5.58
CA GLY B 344 5.27 5.81 -4.20
C GLY B 344 5.07 6.83 -3.09
N VAL B 345 3.96 7.56 -3.15
CA VAL B 345 3.63 8.49 -2.08
C VAL B 345 2.22 8.11 -1.64
N VAL B 346 2.05 7.93 -0.33
CA VAL B 346 0.75 7.59 0.26
C VAL B 346 -0.32 8.67 0.02
N GLU B 347 -1.43 8.29 -0.58
CA GLU B 347 -2.50 9.25 -0.78
C GLU B 347 -3.37 9.37 0.47
N THR B 348 -3.64 8.25 1.14
CA THR B 348 -4.52 8.26 2.29
C THR B 348 -4.22 7.14 3.28
N SER B 349 -4.39 7.42 4.57
CA SER B 349 -3.99 6.53 5.66
C SER B 349 -4.74 6.89 6.91
N LEU B 350 -4.60 6.07 7.94
CA LEU B 350 -5.11 6.38 9.26
C LEU B 350 -4.38 5.58 10.34
N ASN B 351 -4.41 6.08 11.56
CA ASN B 351 -3.65 5.51 12.63
C ASN B 351 -4.58 5.37 13.82
N VAL B 352 -4.91 4.15 14.21
CA VAL B 352 -5.57 3.91 15.50
C VAL B 352 -4.53 4.02 16.62
N GLY B 353 -4.47 5.21 17.23
CA GLY B 353 -3.34 5.62 18.07
C GLY B 353 -3.47 5.40 19.57
N VAL B 354 -4.64 5.67 20.12
CA VAL B 354 -4.83 5.58 21.55
C VAL B 354 -6.08 4.80 21.91
N ILE B 355 -5.90 3.80 22.76
CA ILE B 355 -7.02 3.13 23.39
C ILE B 355 -6.83 3.25 24.89
N THR B 356 -7.87 3.75 25.57
CA THR B 356 -7.90 3.89 27.03
C THR B 356 -9.23 3.33 27.56
N THR B 357 -9.13 2.53 28.61
CA THR B 357 -10.32 1.97 29.24
C THR B 357 -10.51 2.63 30.59
N GLU B 358 -11.75 3.01 30.87
CA GLU B 358 -12.18 3.28 32.23
C GLU B 358 -13.43 2.39 32.37
N GLU B 359 -14.09 2.39 33.53
CA GLU B 359 -15.40 1.70 33.67
C GLU B 359 -16.55 2.47 33.05
N ASN B 360 -17.35 1.76 32.25
CA ASN B 360 -18.48 2.38 31.53
C ASN B 360 -18.02 3.04 30.25
N LYS B 361 -16.71 3.21 30.07
CA LYS B 361 -16.20 3.87 28.88
C LYS B 361 -14.88 3.30 28.34
N VAL B 362 -14.90 2.90 27.08
CA VAL B 362 -13.69 2.61 26.33
C VAL B 362 -13.66 3.53 25.13
N THR B 363 -12.56 4.23 24.94
CA THR B 363 -12.46 5.15 23.85
C THR B 363 -11.27 4.79 22.99
N VAL B 364 -11.46 4.89 21.69
CA VAL B 364 -10.46 4.52 20.69
C VAL B 364 -10.20 5.75 19.85
N LEU B 365 -9.04 6.39 20.08
CA LEU B 365 -8.64 7.61 19.35
C LEU B 365 -7.77 7.28 18.17
N CYS B 366 -8.03 7.99 17.08
CA CYS B 366 -7.35 7.72 15.82
C CYS B 366 -7.33 8.96 14.93
N LEU B 367 -6.49 8.94 13.90
CA LEU B 367 -6.28 10.10 13.08
C LEU B 367 -6.09 9.73 11.62
N ILE B 368 -6.94 10.28 10.77
CA ILE B 368 -6.97 9.92 9.37
C ILE B 368 -6.26 11.03 8.62
N ARG B 369 -5.37 10.64 7.72
CA ARG B 369 -4.66 11.62 6.89
C ARG B 369 -4.96 11.38 5.44
N SER B 370 -5.00 12.45 4.67
CA SER B 370 -5.10 12.27 3.24
C SER B 370 -4.69 13.52 2.46
N LEU B 371 -4.04 13.27 1.31
CA LEU B 371 -3.70 14.29 0.34
C LEU B 371 -5.01 14.73 -0.28
N ILE B 372 -5.90 13.76 -0.52
CA ILE B 372 -7.22 14.09 -1.07
C ILE B 372 -8.29 14.10 0.01
N ASP B 373 -8.98 15.22 0.10
CA ASP B 373 -9.98 15.41 1.14
C ASP B 373 -11.19 14.52 0.90
N SER B 374 -11.47 14.22 -0.36
CA SER B 374 -12.52 13.28 -0.70
C SER B 374 -12.17 11.86 -0.17
N GLY B 375 -10.90 11.52 -0.22
CA GLY B 375 -10.44 10.24 0.27
C GLY B 375 -10.48 10.17 1.78
N ARG B 376 -10.27 11.30 2.44
CA ARG B 376 -10.26 11.30 3.90
C ARG B 376 -11.63 11.00 4.37
N SER B 377 -12.59 11.61 3.70
CA SER B 377 -14.00 11.42 3.99
C SER B 377 -14.38 9.97 3.78
N GLN B 378 -14.00 9.45 2.63
CA GLN B 378 -14.16 8.04 2.38
C GLN B 378 -13.76 7.24 3.63
N VAL B 379 -12.61 7.52 4.22
CA VAL B 379 -12.18 6.79 5.42
C VAL B 379 -13.02 7.12 6.67
N GLU B 380 -13.52 8.34 6.76
CA GLU B 380 -14.38 8.72 7.90
C GLU B 380 -15.62 7.81 7.84
N GLY B 381 -16.12 7.63 6.61
CA GLY B 381 -17.26 6.79 6.32
C GLY B 381 -17.05 5.35 6.75
N MET B 382 -15.93 4.77 6.39
CA MET B 382 -15.61 3.43 6.83
C MET B 382 -15.57 3.30 8.33
N LEU B 383 -15.05 4.31 9.02
CA LEU B 383 -15.09 4.30 10.45
C LEU B 383 -16.51 4.38 11.02
N GLN B 384 -17.39 5.10 10.33
CA GLN B 384 -18.77 5.23 10.76
C GLN B 384 -19.52 3.91 10.65
N SER B 385 -19.27 3.17 9.57
CA SER B 385 -19.90 1.87 9.35
C SER B 385 -19.52 0.93 10.48
N VAL B 386 -18.22 0.73 10.68
CA VAL B 386 -17.76 -0.03 11.83
C VAL B 386 -18.50 0.45 13.05
N ALA B 387 -18.38 1.74 13.36
CA ALA B 387 -19.02 2.36 14.52
C ALA B 387 -20.49 1.99 14.62
N GLU B 388 -21.21 2.14 13.51
CA GLU B 388 -22.63 1.80 13.46
C GLU B 388 -22.82 0.28 13.66
N LEU B 389 -21.96 -0.53 13.04
CA LEU B 389 -22.05 -1.97 13.19
C LEU B 389 -21.87 -2.45 14.63
N ALA B 390 -21.18 -1.68 15.46
CA ALA B 390 -20.86 -2.12 16.83
C ALA B 390 -21.69 -1.40 17.89
N GLY B 391 -22.71 -0.68 17.44
CA GLY B 391 -23.43 0.29 18.27
C GLY B 391 -22.55 1.20 19.13
N ALA B 392 -21.58 1.87 18.52
CA ALA B 392 -20.70 2.77 19.26
C ALA B 392 -20.82 4.20 18.74
N GLN B 393 -20.15 5.14 19.40
CA GLN B 393 -20.17 6.51 18.93
C GLN B 393 -18.86 6.88 18.25
N ILE B 394 -18.97 7.37 17.02
CA ILE B 394 -17.84 7.94 16.33
C ILE B 394 -18.03 9.46 16.34
N GLU B 395 -16.93 10.16 16.55
CA GLU B 395 -16.98 11.60 16.66
C GLU B 395 -15.76 12.14 15.95
N PHE B 396 -15.95 13.20 15.18
CA PHE B 396 -14.84 13.81 14.43
C PHE B 396 -14.62 15.31 14.60
N SER B 397 -13.35 15.68 14.66
CA SER B 397 -12.94 17.07 14.80
C SER B 397 -11.47 17.22 14.46
N GLY B 398 -10.94 18.43 14.64
CA GLY B 398 -9.58 18.76 14.29
C GLY B 398 -9.29 18.63 12.81
N ALA B 399 -10.30 18.93 11.98
CA ALA B 399 -10.19 18.77 10.54
C ALA B 399 -9.33 19.89 9.95
N TYR B 400 -8.57 19.60 8.90
CA TYR B 400 -7.85 20.63 8.13
C TYR B 400 -7.56 20.16 6.69
N PRO B 401 -7.70 21.06 5.70
CA PRO B 401 -7.55 20.73 4.28
C PRO B 401 -6.19 20.16 3.93
N GLY B 402 -6.16 19.21 3.01
CA GLY B 402 -4.93 18.64 2.50
C GLY B 402 -4.49 19.43 1.27
N TRP B 403 -3.34 19.08 0.71
CA TRP B 403 -2.83 19.72 -0.50
C TRP B 403 -2.43 18.64 -1.51
N LYS B 404 -3.24 18.43 -2.56
CA LYS B 404 -2.95 17.34 -3.52
C LYS B 404 -1.99 17.74 -4.63
N PRO B 405 -1.07 16.84 -5.01
CA PRO B 405 -0.12 17.16 -6.06
C PRO B 405 -0.60 16.94 -7.51
N ASP B 406 -0.09 17.77 -8.41
CA ASP B 406 -0.40 17.77 -9.85
C ASP B 406 0.87 17.62 -10.64
N ALA B 407 1.22 16.40 -11.04
CA ALA B 407 2.43 16.16 -11.82
C ALA B 407 2.46 16.98 -13.14
N ASP B 408 1.28 17.44 -13.56
CA ASP B 408 1.18 18.41 -14.64
C ASP B 408 1.05 19.80 -14.01
N SER B 409 2.19 20.39 -13.67
CA SER B 409 2.23 21.67 -12.93
C SER B 409 3.29 22.57 -13.53
N GLU B 410 2.86 23.77 -13.89
CA GLU B 410 3.74 24.80 -14.43
C GLU B 410 4.93 25.11 -13.53
N ILE B 411 4.64 25.63 -12.32
CA ILE B 411 5.67 26.15 -11.39
C ILE B 411 6.52 25.03 -10.85
N MET B 412 5.96 23.84 -10.79
CA MET B 412 6.70 22.70 -10.30
C MET B 412 7.70 22.24 -11.37
N ALA B 413 7.24 22.19 -12.62
CA ALA B 413 8.13 21.88 -13.73
C ALA B 413 9.12 23.04 -13.90
N ILE B 414 8.57 24.26 -13.97
CA ILE B 414 9.39 25.48 -13.99
C ILE B 414 10.47 25.43 -12.93
N PHE B 415 10.07 25.08 -11.71
CA PHE B 415 11.02 25.04 -10.64
C PHE B 415 12.15 24.12 -11.03
N ARG B 416 11.81 22.91 -11.45
CA ARG B 416 12.83 21.89 -11.71
C ARG B 416 13.71 22.34 -12.86
N ASP B 417 13.12 23.04 -13.83
CA ASP B 417 13.85 23.48 -15.02
C ASP B 417 14.60 24.82 -14.86
N MET B 418 14.59 25.36 -13.65
CA MET B 418 15.26 26.62 -13.38
C MET B 418 16.19 26.33 -12.23
N TYR B 419 16.00 25.15 -11.65
CA TYR B 419 16.87 24.66 -10.60
C TYR B 419 18.14 24.13 -11.25
N GLU B 420 18.07 23.96 -12.57
CA GLU B 420 19.24 23.59 -13.36
C GLU B 420 20.09 24.84 -13.51
N GLY B 421 19.56 25.96 -13.01
CA GLY B 421 20.29 27.22 -13.03
C GLY B 421 21.56 26.87 -12.30
N ILE B 422 21.41 26.60 -11.00
CA ILE B 422 22.52 26.23 -10.12
C ILE B 422 22.68 24.72 -9.93
N TYR B 423 23.39 24.10 -10.86
CA TYR B 423 23.72 22.68 -10.88
C TYR B 423 22.70 21.70 -11.46
N GLY B 424 22.73 20.52 -10.84
CA GLY B 424 21.82 19.41 -11.01
C GLY B 424 21.88 18.74 -9.65
N HIS B 425 21.46 17.48 -9.54
CA HIS B 425 20.91 16.75 -10.66
C HIS B 425 19.47 17.20 -10.87
N LYS B 426 18.80 17.59 -9.79
CA LYS B 426 17.44 18.07 -9.95
C LYS B 426 17.06 18.18 -8.50
N PRO B 427 16.10 19.00 -8.15
CA PRO B 427 15.87 19.10 -6.70
C PRO B 427 15.15 17.87 -6.19
N ASN B 428 15.22 17.64 -4.89
CA ASN B 428 14.42 16.60 -4.24
C ASN B 428 12.99 17.21 -4.15
N ILE B 429 12.12 16.89 -5.12
CA ILE B 429 10.73 17.33 -5.07
C ILE B 429 10.06 16.30 -4.19
N MET B 430 9.12 16.73 -3.34
CA MET B 430 8.60 15.87 -2.28
C MET B 430 7.15 16.17 -1.93
N VAL B 431 6.52 15.23 -1.23
CA VAL B 431 5.13 15.33 -0.82
C VAL B 431 5.07 14.66 0.54
N ILE B 432 4.94 15.44 1.59
CA ILE B 432 4.98 14.88 2.94
C ILE B 432 3.60 14.56 3.41
N HIS B 433 3.49 13.42 4.09
CA HIS B 433 2.21 12.97 4.60
C HIS B 433 1.91 13.66 5.90
N ALA B 434 1.76 14.99 5.82
CA ALA B 434 1.63 15.87 6.98
C ALA B 434 0.97 17.21 6.63
N GLY B 435 0.48 17.93 7.62
CA GLY B 435 -0.08 19.23 7.38
C GLY B 435 0.98 20.32 7.30
N LEU B 436 0.77 21.24 6.37
CA LEU B 436 1.57 22.44 6.17
C LEU B 436 0.60 23.62 6.04
N GLU B 437 0.97 24.74 6.64
CA GLU B 437 0.18 25.97 6.57
C GLU B 437 -0.29 26.22 5.15
N CYS B 438 0.60 26.12 4.18
CA CYS B 438 0.20 26.45 2.81
C CYS B 438 -0.99 25.64 2.29
N GLY B 439 -1.17 24.43 2.83
CA GLY B 439 -2.26 23.54 2.41
C GLY B 439 -3.59 24.26 2.50
N LEU B 440 -3.84 24.86 3.66
CA LEU B 440 -5.08 25.54 3.95
C LEU B 440 -5.50 26.52 2.86
N PHE B 441 -4.55 27.06 2.11
CA PHE B 441 -4.87 28.10 1.11
C PHE B 441 -5.73 27.50 0.01
N LYS B 442 -5.68 26.18 -0.09
CA LYS B 442 -6.52 25.43 -1.02
C LYS B 442 -8.02 25.47 -0.61
N GLU B 443 -8.28 25.78 0.66
CA GLU B 443 -9.66 25.99 1.10
C GLU B 443 -10.24 27.05 0.18
N PRO B 444 -9.67 28.25 0.24
CA PRO B 444 -10.04 29.33 -0.68
C PRO B 444 -9.07 29.26 -1.88
N TYR B 445 -9.45 29.78 -3.04
CA TYR B 445 -8.59 29.68 -4.21
C TYR B 445 -8.18 28.26 -4.65
N PRO B 446 -9.17 27.42 -4.91
CA PRO B 446 -8.91 26.05 -5.36
C PRO B 446 -7.84 25.66 -6.37
N ASN B 447 -7.41 26.59 -7.21
CA ASN B 447 -6.42 26.29 -8.25
C ASN B 447 -5.29 27.27 -7.95
N MET B 448 -4.39 26.88 -7.06
CA MET B 448 -3.20 27.70 -6.81
C MET B 448 -1.98 26.87 -7.17
N ASP B 449 -1.29 27.22 -8.25
CA ASP B 449 -0.14 26.43 -8.67
C ASP B 449 1.04 26.77 -7.74
N MET B 450 1.37 25.88 -6.81
CA MET B 450 2.25 26.27 -5.71
C MET B 450 3.34 25.31 -5.24
N VAL B 451 4.29 25.85 -4.46
CA VAL B 451 5.44 25.10 -3.96
C VAL B 451 5.96 25.68 -2.67
N SER B 452 6.77 24.89 -1.96
CA SER B 452 7.46 25.38 -0.80
C SER B 452 8.88 24.83 -0.69
N PHE B 453 9.83 25.76 -0.55
CA PHE B 453 11.26 25.50 -0.34
C PHE B 453 11.92 26.71 0.28
N GLY B 454 12.99 26.47 1.02
CA GLY B 454 13.74 27.55 1.63
C GLY B 454 15.09 27.09 2.08
N PRO B 455 15.82 27.95 2.80
CA PRO B 455 17.19 27.66 3.24
C PRO B 455 17.27 26.49 4.18
N THR B 456 18.49 26.08 4.54
CA THR B 456 18.68 24.97 5.46
C THR B 456 18.79 25.45 6.90
N ILE B 457 17.72 25.28 7.68
CA ILE B 457 17.71 25.65 9.08
C ILE B 457 17.56 24.39 9.94
N LYS B 458 18.43 24.25 10.94
CA LYS B 458 18.44 23.05 11.77
C LYS B 458 17.97 23.31 13.20
N PHE B 459 16.95 22.56 13.63
CA PHE B 459 16.45 22.62 15.02
C PHE B 459 15.56 23.78 15.28
N PRO B 460 14.58 24.00 14.41
CA PRO B 460 13.71 25.17 14.66
C PRO B 460 12.89 24.91 15.91
N HIS B 461 12.32 25.94 16.52
CA HIS B 461 11.41 25.74 17.66
C HIS B 461 12.21 25.37 18.92
N SER B 462 13.53 25.33 18.80
CA SER B 462 14.37 25.05 19.96
C SER B 462 15.40 26.16 20.15
N PRO B 463 15.81 26.41 21.40
CA PRO B 463 16.81 27.44 21.61
C PRO B 463 18.07 27.27 20.74
N ASP B 464 18.13 26.18 19.96
CA ASP B 464 19.31 25.86 19.14
C ASP B 464 19.17 26.01 17.63
N GLU B 465 18.06 26.58 17.17
CA GLU B 465 17.86 26.80 15.73
C GLU B 465 19.10 27.47 15.11
N LYS B 466 19.82 26.72 14.28
CA LYS B 466 20.97 27.23 13.53
C LYS B 466 20.62 27.18 12.03
N VAL B 467 20.91 28.25 11.30
CA VAL B 467 20.62 28.34 9.86
C VAL B 467 21.91 28.43 9.03
N LYS B 468 21.93 27.82 7.85
CA LYS B 468 23.20 27.69 7.13
C LYS B 468 23.36 28.90 6.21
N ILE B 469 24.40 29.70 6.48
CA ILE B 469 24.52 31.02 5.83
C ILE B 469 24.45 30.92 4.30
N ASP B 470 25.33 30.10 3.74
CA ASP B 470 25.45 29.94 2.29
C ASP B 470 24.16 29.46 1.61
N THR B 471 23.35 28.72 2.35
CA THR B 471 22.12 28.22 1.77
C THR B 471 21.07 29.33 1.61
N VAL B 472 21.20 30.38 2.38
CA VAL B 472 20.30 31.53 2.24
C VAL B 472 20.51 32.19 0.88
N GLN B 473 21.79 32.34 0.49
CA GLN B 473 22.16 32.87 -0.83
C GLN B 473 21.53 32.00 -1.91
N LEU B 474 21.76 30.69 -1.84
CA LEU B 474 21.09 29.70 -2.69
C LEU B 474 19.58 29.84 -2.73
N PHE B 475 18.98 29.84 -1.55
CA PHE B 475 17.55 29.99 -1.48
C PHE B 475 17.18 31.20 -2.33
N TRP B 476 17.89 32.30 -2.11
CA TRP B 476 17.50 33.57 -2.71
C TRP B 476 17.68 33.56 -4.23
N ASP B 477 18.73 32.89 -4.67
CA ASP B 477 19.01 32.76 -6.08
C ASP B 477 17.89 32.12 -6.88
N GLN B 478 17.32 31.04 -6.33
CA GLN B 478 16.20 30.37 -6.98
C GLN B 478 14.97 31.22 -6.88
N MET B 479 14.79 31.82 -5.71
CA MET B 479 13.70 32.72 -5.51
C MET B 479 13.70 33.80 -6.59
N VAL B 480 14.87 34.25 -7.02
CA VAL B 480 14.94 35.17 -8.18
C VAL B 480 14.87 34.47 -9.52
N ALA B 481 15.64 33.38 -9.68
CA ALA B 481 15.67 32.58 -10.90
C ALA B 481 14.27 32.34 -11.47
N LEU B 482 13.41 31.79 -10.63
CA LEU B 482 12.12 31.37 -11.14
C LEU B 482 11.18 32.56 -11.19
N LEU B 483 11.27 33.49 -10.24
CA LEU B 483 10.46 34.71 -10.34
C LEU B 483 10.54 35.33 -11.74
N GLU B 484 11.75 35.35 -12.30
CA GLU B 484 11.99 35.86 -13.66
C GLU B 484 11.59 34.84 -14.70
N ALA B 485 11.73 33.56 -14.34
CA ALA B 485 11.38 32.41 -15.20
C ALA B 485 9.86 32.13 -15.37
N ILE B 486 9.00 33.00 -14.88
CA ILE B 486 7.54 32.86 -14.99
C ILE B 486 7.03 32.93 -16.46
N PRO B 487 5.79 32.48 -16.69
CA PRO B 487 5.19 32.47 -18.02
C PRO B 487 4.27 33.69 -18.15
N GLU B 488 3.23 33.76 -19.01
CA GLU B 488 2.26 34.94 -18.82
C GLU B 488 0.70 35.03 -19.24
N LYS B 489 -0.04 35.92 -18.58
CA LYS B 489 -1.44 36.22 -18.89
C LYS B 489 -1.83 37.59 -18.30
N ALA B 490 -2.13 38.57 -19.16
CA ALA B 490 -2.52 39.90 -18.71
C ALA B 490 -3.40 39.84 -17.47
ZN ZN C . 0.08 -25.09 -17.48
ZN ZN D . 2.52 -25.52 -16.10
ZN ZN E . 7.64 26.55 12.19
ZN ZN F . 7.31 27.96 9.84
#